data_8VBV
#
_entry.id   8VBV
#
_cell.length_a   182.076
_cell.length_b   72.531
_cell.length_c   89.595
_cell.angle_alpha   90.00
_cell.angle_beta   103.85
_cell.angle_gamma   90.00
#
_symmetry.space_group_name_H-M   'C 1 2 1'
#
loop_
_entity.id
_entity.type
_entity.pdbx_description
1 polymer 'Penicillin-binding protein 1'
2 non-polymer '(2S)-2-[(1R)-1-{[(2R)-2-amino-2-phenylacetyl]amino}-2-oxoethyl]-5-methyl-3,6-dihydro-2H-1,3-thiazine-4-carboxylic acid'
3 water water
#
_entity_poly.entity_id   1
_entity_poly.type   'polypeptide(L)'
_entity_poly.pdbx_seq_one_letter_code
;MGSSHHHHHHHHHHSSGLVPRGSHMTGHSNGQDLVMKANEKYLVKNAQQPERGKIYDRNGKVLAEDVERYKLVAVIDKKA
SANSKKPRHVVDKKETAKKLSTVIDMKPEEIEKRLSQKKAFQIEFGRKGTNLTYQDKLKIEKMNLPGISLLPETERFYPN
GNFASHLIGRAQKNPDTGELKGALGVEKIFDSYLSGSKGSLRYIHDIWGYIAPNTKKEKQPKRGDDVHLTIDSNIQVFVE
EALDGMVERYQPKDLFAVVMDAKTGEILAYSQRPTFNPETGKDFGKKWANDLYQNTYEPGSTFKSYGLAAAIQEGAFDPD
KKYKSGHRDIMGSRISDWNRVGWGEIPMSLGFTYSSNTLMMHLQDLVGADKMKSWYERFGFGKSTKGMFDGEAPGQIGWS
NELQQKTSSFGQSTTVTPVQMLQAQSAFFNDGNMLKPWFVNSVENPVSKRQFYKGQKQIAGKPITKDTAEKVEKQLDLVV
NSKKSHAANYRIDGYEVEGKTGTAQVAAPNGGGYVKGPNPYFVSFMGDAPKKNPKVIVYAGMSLAQKNDQEAYELGVSKA
FKPIMENTLKYLNVGKSKDDTSNAEYSKVPDVEGQ
;
_entity_poly.pdbx_strand_id   A,B
#
# COMPACT_ATOMS: atom_id res chain seq x y z
N GLN A 48 23.60 5.38 -2.03
CA GLN A 48 22.61 6.45 -1.85
C GLN A 48 21.70 6.18 -0.63
N GLN A 49 21.10 4.98 -0.57
CA GLN A 49 20.19 4.82 0.56
C GLN A 49 20.92 4.26 1.78
N PRO A 50 20.58 4.73 2.98
CA PRO A 50 21.01 4.04 4.20
C PRO A 50 20.43 2.64 4.24
N GLU A 51 21.06 1.76 5.01
CA GLU A 51 20.51 0.42 5.17
C GLU A 51 19.24 0.50 6.03
N ARG A 52 18.13 0.00 5.50
CA ARG A 52 16.92 -0.05 6.30
C ARG A 52 17.11 -1.05 7.43
N GLY A 53 16.68 -0.68 8.63
CA GLY A 53 16.84 -1.56 9.78
C GLY A 53 16.16 -2.90 9.59
N LYS A 54 16.46 -3.82 10.50
CA LYS A 54 15.99 -5.20 10.44
C LYS A 54 14.76 -5.40 11.32
N ILE A 55 13.96 -6.41 10.97
CA ILE A 55 12.89 -6.90 11.84
C ILE A 55 13.32 -8.25 12.39
N TYR A 56 13.29 -8.38 13.72
CA TYR A 56 13.78 -9.56 14.41
C TYR A 56 12.64 -10.28 15.12
N ASP A 57 12.85 -11.57 15.40
CA ASP A 57 11.93 -12.28 16.28
C ASP A 57 12.45 -12.20 17.71
N ARG A 58 11.65 -12.71 18.65
CA ARG A 58 11.97 -12.51 20.06
C ARG A 58 13.33 -13.10 20.44
N ASN A 59 13.82 -14.11 19.71
CA ASN A 59 15.13 -14.69 19.99
C ASN A 59 16.21 -14.16 19.06
N GLY A 60 15.95 -13.13 18.27
CA GLY A 60 17.00 -12.55 17.48
C GLY A 60 17.16 -13.08 16.06
N LYS A 61 16.21 -13.88 15.57
CA LYS A 61 16.29 -14.33 14.18
C LYS A 61 15.81 -13.23 13.25
N VAL A 62 16.48 -13.11 12.10
CA VAL A 62 16.09 -12.07 11.15
C VAL A 62 14.79 -12.47 10.48
N LEU A 63 13.79 -11.60 10.56
CA LEU A 63 12.57 -11.73 9.77
C LEU A 63 12.61 -10.87 8.50
N ALA A 64 13.41 -9.80 8.48
CA ALA A 64 13.52 -8.90 7.33
C ALA A 64 14.83 -8.13 7.44
N GLU A 65 15.46 -7.88 6.29
CA GLU A 65 16.74 -7.19 6.21
C GLU A 65 16.97 -6.70 4.79
N ASP A 66 18.04 -5.93 4.62
CA ASP A 66 18.50 -5.52 3.29
C ASP A 66 19.56 -6.51 2.83
N VAL A 67 19.43 -6.99 1.59
CA VAL A 67 20.43 -7.82 0.95
C VAL A 67 20.81 -7.21 -0.40
N GLU A 68 21.89 -7.72 -0.98
CA GLU A 68 22.30 -7.35 -2.33
C GLU A 68 21.91 -8.42 -3.34
N ARG A 69 21.17 -8.02 -4.36
CA ARG A 69 20.77 -8.84 -5.49
C ARG A 69 21.38 -8.21 -6.76
N TYR A 70 20.99 -8.70 -7.93
CA TYR A 70 21.69 -8.31 -9.15
C TYR A 70 20.73 -8.17 -10.32
N LYS A 71 21.02 -7.18 -11.17
CA LYS A 71 20.26 -6.90 -12.40
C LYS A 71 21.17 -7.05 -13.61
N LEU A 72 20.68 -7.75 -14.63
CA LEU A 72 21.46 -8.09 -15.81
C LEU A 72 21.38 -6.99 -16.85
N VAL A 73 22.53 -6.55 -17.36
CA VAL A 73 22.60 -5.46 -18.32
C VAL A 73 23.44 -5.90 -19.51
N ALA A 74 22.93 -5.65 -20.72
CA ALA A 74 23.56 -6.08 -21.96
C ALA A 74 23.72 -4.88 -22.87
N VAL A 75 24.96 -4.42 -23.08
CA VAL A 75 25.23 -3.38 -24.06
C VAL A 75 25.27 -4.01 -25.46
N ILE A 76 24.55 -3.41 -26.41
CA ILE A 76 24.39 -3.97 -27.73
C ILE A 76 24.87 -3.06 -28.85
N ASP A 77 25.36 -1.87 -28.53
CA ASP A 77 25.83 -0.94 -29.57
C ASP A 77 27.32 -1.19 -29.85
N LYS A 78 27.66 -1.30 -31.14
CA LYS A 78 29.03 -1.60 -31.53
C LYS A 78 30.00 -0.50 -31.10
N LYS A 79 29.51 0.73 -30.92
CA LYS A 79 30.41 1.83 -30.55
C LYS A 79 31.11 1.58 -29.20
N ALA A 80 30.51 0.79 -28.31
CA ALA A 80 31.15 0.54 -27.03
C ALA A 80 32.43 -0.27 -27.18
N SER A 81 32.48 -1.14 -28.19
CA SER A 81 33.66 -1.97 -28.43
C SER A 81 34.52 -1.41 -29.55
N ALA A 82 34.25 -0.19 -30.01
CA ALA A 82 35.02 0.38 -31.11
C ALA A 82 36.48 0.55 -30.72
N ASN A 83 36.74 1.06 -29.52
CA ASN A 83 38.11 1.38 -29.13
C ASN A 83 38.90 0.17 -28.64
N SER A 84 38.24 -0.91 -28.23
CA SER A 84 38.88 -2.02 -27.55
C SER A 84 39.14 -3.17 -28.52
N LYS A 85 40.07 -4.05 -28.13
CA LYS A 85 40.48 -5.16 -28.99
C LYS A 85 39.51 -6.32 -28.93
N LYS A 86 39.07 -6.70 -27.72
CA LYS A 86 38.06 -7.72 -27.48
C LYS A 86 36.70 -7.05 -27.28
N PRO A 87 35.65 -7.60 -27.90
CA PRO A 87 34.40 -6.84 -28.01
C PRO A 87 33.77 -6.56 -26.64
N ARG A 88 33.38 -5.30 -26.44
CA ARG A 88 32.75 -4.83 -25.23
C ARG A 88 31.23 -4.76 -25.36
N HIS A 89 30.67 -5.30 -26.44
CA HIS A 89 29.23 -5.36 -26.68
C HIS A 89 28.84 -6.75 -27.17
N VAL A 90 27.54 -6.98 -27.29
CA VAL A 90 27.03 -8.30 -27.67
C VAL A 90 27.21 -8.48 -29.18
N VAL A 91 28.20 -9.29 -29.56
CA VAL A 91 28.43 -9.53 -30.97
C VAL A 91 27.53 -10.65 -31.49
N ASP A 92 27.43 -11.75 -30.73
CA ASP A 92 26.65 -12.91 -31.13
C ASP A 92 25.34 -12.88 -30.35
N LYS A 93 24.31 -12.26 -30.95
CA LYS A 93 23.01 -12.14 -30.27
C LYS A 93 22.32 -13.50 -30.10
N LYS A 94 22.37 -14.36 -31.11
CA LYS A 94 21.72 -15.66 -31.02
C LYS A 94 22.34 -16.52 -29.91
N GLU A 95 23.66 -16.64 -29.92
CA GLU A 95 24.34 -17.44 -28.92
C GLU A 95 24.18 -16.84 -27.53
N THR A 96 24.27 -15.50 -27.43
CA THR A 96 24.05 -14.82 -26.16
C THR A 96 22.66 -15.13 -25.64
N ALA A 97 21.63 -14.99 -26.49
CA ALA A 97 20.26 -15.22 -26.07
C ALA A 97 20.04 -16.67 -25.67
N LYS A 98 20.51 -17.61 -26.49
CA LYS A 98 20.37 -19.02 -26.13
C LYS A 98 21.04 -19.30 -24.79
N LYS A 99 22.27 -18.83 -24.62
CA LYS A 99 23.00 -19.13 -23.39
C LYS A 99 22.37 -18.41 -22.19
N LEU A 100 21.90 -17.18 -22.38
CA LEU A 100 21.38 -16.44 -21.23
C LEU A 100 20.12 -17.07 -20.67
N SER A 101 19.33 -17.73 -21.51
CA SER A 101 18.09 -18.33 -21.04
C SER A 101 18.31 -19.52 -20.13
N THR A 102 19.56 -19.96 -19.95
CA THR A 102 19.84 -21.03 -19.00
C THR A 102 19.87 -20.54 -17.56
N VAL A 103 19.83 -19.22 -17.35
CA VAL A 103 19.83 -18.63 -16.02
C VAL A 103 18.53 -17.87 -15.73
N ILE A 104 18.08 -17.00 -16.68
CA ILE A 104 16.84 -16.24 -16.48
C ILE A 104 15.67 -16.99 -17.10
N ASP A 105 14.48 -16.73 -16.55
CA ASP A 105 13.24 -17.40 -16.95
C ASP A 105 12.67 -16.70 -18.19
N MET A 106 13.39 -16.84 -19.29
CA MET A 106 13.01 -16.20 -20.55
C MET A 106 13.37 -17.11 -21.71
N LYS A 107 12.49 -17.18 -22.68
CA LYS A 107 12.80 -18.03 -23.84
C LYS A 107 13.67 -17.25 -24.81
N PRO A 108 14.63 -17.92 -25.45
CA PRO A 108 15.58 -17.18 -26.26
C PRO A 108 14.92 -16.39 -27.38
N GLU A 109 13.77 -16.85 -27.87
CA GLU A 109 13.05 -16.08 -28.88
C GLU A 109 12.68 -14.70 -28.34
N GLU A 110 12.36 -14.61 -27.05
CA GLU A 110 12.07 -13.30 -26.46
C GLU A 110 13.36 -12.51 -26.20
N ILE A 111 14.37 -13.17 -25.63
CA ILE A 111 15.67 -12.52 -25.37
C ILE A 111 16.22 -11.92 -26.65
N GLU A 112 16.17 -12.69 -27.74
CA GLU A 112 16.66 -12.20 -29.02
C GLU A 112 15.95 -10.93 -29.45
N LYS A 113 14.62 -10.89 -29.26
CA LYS A 113 13.86 -9.68 -29.62
C LYS A 113 14.34 -8.48 -28.83
N ARG A 114 14.44 -8.62 -27.50
CA ARG A 114 14.91 -7.52 -26.67
C ARG A 114 16.34 -7.14 -27.03
N LEU A 115 17.19 -8.13 -27.30
CA LEU A 115 18.55 -7.81 -27.71
C LEU A 115 18.61 -7.19 -29.10
N SER A 116 17.49 -7.11 -29.80
CA SER A 116 17.49 -6.66 -31.18
C SER A 116 16.68 -5.37 -31.32
N GLN A 117 16.56 -4.60 -30.24
CA GLN A 117 15.87 -3.33 -30.31
C GLN A 117 16.81 -2.26 -30.83
N LYS A 118 16.26 -1.34 -31.60
CA LYS A 118 17.01 -0.30 -32.30
C LYS A 118 17.01 0.99 -31.48
N LYS A 119 17.88 1.91 -31.88
CA LYS A 119 18.07 3.20 -31.21
C LYS A 119 18.39 3.01 -29.73
N ALA A 120 18.90 1.83 -29.37
CA ALA A 120 19.19 1.45 -28.00
C ALA A 120 20.67 1.13 -27.83
N PHE A 121 21.28 1.63 -26.74
CA PHE A 121 22.65 1.33 -26.34
C PHE A 121 22.74 0.08 -25.48
N GLN A 122 21.95 0.04 -24.43
CA GLN A 122 21.91 -1.03 -23.46
C GLN A 122 20.50 -1.60 -23.44
N ILE A 123 20.36 -2.82 -22.94
CA ILE A 123 19.03 -3.34 -22.70
C ILE A 123 19.01 -4.02 -21.35
N GLU A 124 17.82 -4.08 -20.75
CA GLU A 124 17.54 -4.85 -19.56
C GLU A 124 16.42 -5.83 -19.89
N PHE A 125 16.03 -6.64 -18.92
CA PHE A 125 15.16 -7.77 -19.26
C PHE A 125 13.94 -7.87 -18.35
N GLY A 126 13.45 -6.73 -17.86
CA GLY A 126 12.22 -6.70 -17.12
C GLY A 126 12.37 -7.43 -15.79
N ARG A 127 11.22 -7.86 -15.26
CA ARG A 127 11.17 -8.55 -13.99
C ARG A 127 12.09 -9.78 -13.95
N LYS A 128 12.28 -10.46 -15.09
CA LYS A 128 13.11 -11.67 -15.08
C LYS A 128 14.60 -11.38 -15.04
N GLY A 129 15.01 -10.16 -15.44
CA GLY A 129 16.40 -9.74 -15.42
C GLY A 129 16.91 -9.27 -14.08
N THR A 130 16.04 -9.08 -13.11
CA THR A 130 16.47 -8.52 -11.84
C THR A 130 16.13 -9.47 -10.69
N ASN A 131 16.52 -9.07 -9.48
CA ASN A 131 16.50 -9.94 -8.29
C ASN A 131 17.27 -11.23 -8.53
N LEU A 132 18.41 -11.14 -9.18
CA LEU A 132 19.22 -12.31 -9.40
C LEU A 132 20.18 -12.52 -8.24
N THR A 133 20.50 -13.78 -7.96
CA THR A 133 21.34 -14.15 -6.82
C THR A 133 22.82 -14.06 -7.18
N TYR A 134 23.66 -14.06 -6.14
CA TYR A 134 25.09 -14.15 -6.37
C TYR A 134 25.44 -15.43 -7.13
N GLN A 135 24.76 -16.52 -6.82
CA GLN A 135 24.97 -17.76 -7.58
C GLN A 135 24.65 -17.54 -9.05
N ASP A 136 23.48 -16.94 -9.33
CA ASP A 136 23.11 -16.63 -10.71
C ASP A 136 24.16 -15.76 -11.39
N LYS A 137 24.70 -14.78 -10.65
CA LYS A 137 25.68 -13.87 -11.21
C LYS A 137 26.94 -14.59 -11.66
N LEU A 138 27.50 -15.42 -10.78
CA LEU A 138 28.75 -16.10 -11.09
C LEU A 138 28.59 -17.01 -12.29
N LYS A 139 27.45 -17.68 -12.40
CA LYS A 139 27.14 -18.51 -13.56
C LYS A 139 27.24 -17.70 -14.84
N ILE A 140 26.56 -16.55 -14.89
CA ILE A 140 26.53 -15.76 -16.11
C ILE A 140 27.93 -15.26 -16.43
N GLU A 141 28.66 -14.80 -15.41
CA GLU A 141 29.99 -14.27 -15.65
C GLU A 141 30.93 -15.37 -16.16
N LYS A 142 30.72 -16.61 -15.69
CA LYS A 142 31.51 -17.73 -16.21
C LYS A 142 31.35 -17.89 -17.72
N MET A 143 30.20 -17.48 -18.27
CA MET A 143 30.00 -17.59 -19.72
C MET A 143 30.84 -16.62 -20.51
N ASN A 144 31.40 -15.57 -19.88
CA ASN A 144 32.14 -14.50 -20.57
C ASN A 144 31.44 -14.04 -21.85
N LEU A 145 30.14 -13.81 -21.76
CA LEU A 145 29.42 -13.31 -22.93
C LEU A 145 29.75 -11.84 -23.13
N PRO A 146 30.01 -11.42 -24.38
CA PRO A 146 30.45 -10.03 -24.59
C PRO A 146 29.27 -9.07 -24.43
N GLY A 147 29.53 -7.94 -23.77
CA GLY A 147 28.51 -6.95 -23.53
C GLY A 147 27.61 -7.24 -22.35
N ILE A 148 27.84 -8.34 -21.67
CA ILE A 148 26.98 -8.80 -20.59
C ILE A 148 27.63 -8.42 -19.28
N SER A 149 26.84 -7.83 -18.38
CA SER A 149 27.34 -7.33 -17.12
C SER A 149 26.28 -7.56 -16.04
N LEU A 150 26.71 -7.53 -14.78
CA LEU A 150 25.81 -7.63 -13.63
C LEU A 150 25.92 -6.39 -12.75
N LEU A 151 24.79 -5.79 -12.41
CA LEU A 151 24.77 -4.56 -11.62
C LEU A 151 24.11 -4.81 -10.28
N PRO A 152 24.79 -4.52 -9.17
CA PRO A 152 24.21 -4.78 -7.84
C PRO A 152 23.05 -3.84 -7.51
N GLU A 153 22.06 -4.39 -6.82
CA GLU A 153 20.90 -3.64 -6.36
C GLU A 153 20.54 -4.15 -4.97
N THR A 154 20.12 -3.25 -4.10
CA THR A 154 19.63 -3.61 -2.77
C THR A 154 18.20 -4.12 -2.89
N GLU A 155 17.92 -5.26 -2.28
CA GLU A 155 16.55 -5.76 -2.18
C GLU A 155 16.23 -6.01 -0.71
N ARG A 156 14.94 -6.08 -0.44
CA ARG A 156 14.44 -6.40 0.89
C ARG A 156 14.19 -7.90 0.94
N PHE A 157 14.83 -8.58 1.88
CA PHE A 157 14.84 -10.04 1.96
C PHE A 157 14.08 -10.50 3.20
N TYR A 158 13.14 -11.40 3.01
CA TYR A 158 12.40 -12.00 4.11
C TYR A 158 12.80 -13.46 4.18
N PRO A 159 13.76 -13.85 5.04
CA PRO A 159 14.33 -15.21 4.98
C PRO A 159 13.33 -16.33 5.14
N ASN A 160 12.18 -16.12 5.80
CA ASN A 160 11.23 -17.21 5.97
C ASN A 160 10.10 -17.19 4.95
N GLY A 161 10.16 -16.33 3.93
CA GLY A 161 9.11 -16.28 2.92
C GLY A 161 7.75 -15.96 3.52
N ASN A 162 6.77 -16.82 3.21
CA ASN A 162 5.42 -16.70 3.76
C ASN A 162 5.40 -17.07 5.24
N PHE A 163 5.57 -16.07 6.10
CA PHE A 163 5.82 -16.28 7.52
C PHE A 163 5.32 -15.03 8.25
N ALA A 164 4.22 -15.18 9.02
CA ALA A 164 3.60 -14.05 9.70
C ALA A 164 3.47 -12.83 8.78
N SER A 165 3.05 -13.08 7.54
CA SER A 165 3.24 -12.08 6.50
C SER A 165 2.38 -10.85 6.74
N HIS A 166 1.12 -11.05 7.12
CA HIS A 166 0.21 -9.96 7.46
C HIS A 166 0.56 -9.22 8.74
N LEU A 167 1.55 -9.68 9.52
CA LEU A 167 2.06 -8.88 10.64
C LEU A 167 3.34 -8.15 10.28
N ILE A 168 4.30 -8.86 9.68
CA ILE A 168 5.57 -8.25 9.33
C ILE A 168 5.38 -7.22 8.22
N GLY A 169 4.62 -7.57 7.20
CA GLY A 169 4.35 -6.64 6.13
C GLY A 169 5.33 -6.80 4.98
N ARG A 170 5.41 -5.75 4.16
CA ARG A 170 6.27 -5.74 3.00
C ARG A 170 6.70 -4.31 2.73
N ALA A 171 7.97 -4.15 2.35
CA ALA A 171 8.54 -2.87 1.96
C ALA A 171 8.70 -2.84 0.45
N GLN A 172 8.30 -1.75 -0.19
CA GLN A 172 8.38 -1.62 -1.65
C GLN A 172 9.52 -0.70 -2.04
N LYS A 173 10.08 -0.95 -3.21
CA LYS A 173 11.28 -0.27 -3.69
C LYS A 173 10.91 0.75 -4.77
N ASN A 174 11.45 1.95 -4.68
CA ASN A 174 11.31 2.91 -5.75
C ASN A 174 12.53 2.77 -6.65
N PRO A 175 12.40 2.18 -7.85
CA PRO A 175 13.58 1.89 -8.68
C PRO A 175 14.50 3.07 -8.94
N ASP A 176 13.95 4.28 -8.98
CA ASP A 176 14.78 5.44 -9.31
C ASP A 176 15.86 5.68 -8.27
N THR A 177 15.52 5.53 -7.00
CA THR A 177 16.46 5.84 -5.92
C THR A 177 16.81 4.65 -5.04
N GLY A 178 16.15 3.50 -5.22
CA GLY A 178 16.32 2.39 -4.31
C GLY A 178 15.69 2.57 -2.94
N GLU A 179 15.02 3.69 -2.69
CA GLU A 179 14.47 3.95 -1.36
C GLU A 179 13.36 2.96 -1.07
N LEU A 180 13.41 2.35 0.11
CA LEU A 180 12.45 1.34 0.52
C LEU A 180 11.39 1.98 1.41
N LYS A 181 10.14 1.56 1.23
CA LYS A 181 9.02 2.13 1.98
C LYS A 181 8.04 1.04 2.39
N GLY A 182 7.84 0.85 3.69
CA GLY A 182 6.88 -0.13 4.14
C GLY A 182 5.48 0.16 3.64
N ALA A 183 4.79 -0.88 3.14
CA ALA A 183 3.43 -0.76 2.63
C ALA A 183 2.43 -1.51 3.49
N LEU A 184 2.86 -2.29 4.46
CA LEU A 184 1.92 -2.95 5.34
C LEU A 184 2.66 -3.38 6.58
N GLY A 185 1.90 -3.67 7.64
CA GLY A 185 2.40 -4.26 8.89
C GLY A 185 3.52 -3.46 9.53
N VAL A 186 4.43 -4.17 10.18
CA VAL A 186 5.51 -3.54 10.94
C VAL A 186 6.38 -2.70 10.02
N GLU A 187 6.69 -3.21 8.81
CA GLU A 187 7.41 -2.41 7.80
C GLU A 187 6.77 -1.04 7.61
N LYS A 188 5.43 -0.97 7.59
CA LYS A 188 4.77 0.33 7.42
C LYS A 188 4.70 1.10 8.75
N ILE A 189 4.13 0.49 9.79
CA ILE A 189 3.98 1.17 11.09
C ILE A 189 5.28 1.82 11.53
N PHE A 190 6.41 1.14 11.36
CA PHE A 190 7.66 1.61 11.91
C PHE A 190 8.63 2.06 10.84
N ASP A 191 8.07 2.48 9.70
CA ASP A 191 8.87 2.87 8.55
C ASP A 191 9.82 4.02 8.88
N SER A 192 9.38 4.99 9.68
CA SER A 192 10.28 6.11 9.94
C SER A 192 11.43 5.67 10.81
N TYR A 193 11.23 4.68 11.68
CA TYR A 193 12.34 4.16 12.46
C TYR A 193 13.23 3.23 11.62
N LEU A 194 12.63 2.32 10.84
CA LEU A 194 13.43 1.42 10.01
C LEU A 194 14.24 2.18 8.95
N SER A 195 13.72 3.28 8.44
CA SER A 195 14.40 4.06 7.42
C SER A 195 15.52 4.91 8.04
N GLY A 196 16.53 5.19 7.25
CA GLY A 196 17.62 6.04 7.73
C GLY A 196 17.49 7.52 7.44
N LYS A 222 24.64 6.90 8.83
CA LYS A 222 23.19 6.76 8.82
C LYS A 222 22.78 5.30 8.58
N ARG A 223 22.03 4.73 9.54
CA ARG A 223 21.52 3.37 9.42
C ARG A 223 20.22 3.27 10.21
N GLY A 224 19.21 2.64 9.62
CA GLY A 224 17.91 2.59 10.25
C GLY A 224 17.93 1.84 11.57
N ASP A 225 16.86 2.05 12.35
CA ASP A 225 16.71 1.34 13.61
C ASP A 225 16.14 -0.06 13.38
N ASP A 226 16.36 -0.93 14.34
CA ASP A 226 15.80 -2.28 14.26
C ASP A 226 14.50 -2.35 15.05
N VAL A 227 13.63 -3.26 14.63
CA VAL A 227 12.38 -3.55 15.32
C VAL A 227 12.44 -5.01 15.70
N HIS A 228 12.30 -5.28 16.99
CA HIS A 228 12.31 -6.63 17.54
C HIS A 228 10.89 -6.98 17.99
N LEU A 229 10.35 -8.07 17.46
CA LEU A 229 9.00 -8.51 17.80
C LEU A 229 9.03 -9.52 18.95
N THR A 230 7.84 -9.80 19.50
CA THR A 230 7.71 -10.87 20.49
C THR A 230 7.49 -12.24 19.86
N ILE A 231 7.18 -12.29 18.55
CA ILE A 231 6.99 -13.56 17.87
C ILE A 231 8.15 -14.50 18.16
N ASP A 232 7.83 -15.75 18.47
CA ASP A 232 8.82 -16.83 18.50
C ASP A 232 8.70 -17.60 17.19
N SER A 233 9.76 -17.57 16.37
CA SER A 233 9.71 -18.23 15.07
C SER A 233 9.38 -19.71 15.19
N ASN A 234 9.81 -20.34 16.27
CA ASN A 234 9.51 -21.77 16.45
C ASN A 234 8.01 -22.01 16.56
N ILE A 235 7.32 -21.16 17.32
CA ILE A 235 5.88 -21.35 17.48
C ILE A 235 5.17 -20.96 16.20
N GLN A 236 5.68 -19.94 15.51
CA GLN A 236 5.12 -19.49 14.23
C GLN A 236 5.04 -20.62 13.21
N VAL A 237 6.08 -21.45 13.13
CA VAL A 237 6.07 -22.60 12.24
C VAL A 237 4.86 -23.48 12.52
N PHE A 238 4.60 -23.78 13.81
CA PHE A 238 3.44 -24.60 14.17
C PHE A 238 2.16 -23.98 13.63
N VAL A 239 2.04 -22.67 13.75
CA VAL A 239 0.86 -21.97 13.28
C VAL A 239 0.81 -22.02 11.76
N GLU A 240 1.90 -21.62 11.10
CA GLU A 240 1.96 -21.68 9.64
C GLU A 240 1.58 -23.06 9.13
N GLU A 241 2.12 -24.12 9.76
CA GLU A 241 1.85 -25.45 9.25
C GLU A 241 0.39 -25.83 9.48
N ALA A 242 -0.17 -25.50 10.64
CA ALA A 242 -1.57 -25.86 10.88
C ALA A 242 -2.51 -25.09 9.94
N LEU A 243 -2.23 -23.83 9.66
CA LEU A 243 -3.12 -23.06 8.79
C LEU A 243 -3.10 -23.60 7.35
N ASP A 244 -1.93 -24.05 6.87
CA ASP A 244 -1.89 -24.73 5.58
C ASP A 244 -2.80 -25.96 5.60
N GLY A 245 -2.80 -26.70 6.71
CA GLY A 245 -3.65 -27.87 6.81
C GLY A 245 -5.11 -27.53 6.63
N MET A 246 -5.57 -26.51 7.37
CA MET A 246 -6.97 -26.10 7.29
C MET A 246 -7.37 -25.70 5.87
N VAL A 247 -6.52 -24.93 5.18
CA VAL A 247 -6.86 -24.47 3.84
C VAL A 247 -7.07 -25.66 2.91
N GLU A 248 -6.07 -26.55 2.84
CA GLU A 248 -6.18 -27.76 2.03
C GLU A 248 -7.47 -28.50 2.30
N ARG A 249 -7.81 -28.64 3.58
CA ARG A 249 -8.97 -29.42 3.99
C ARG A 249 -10.28 -28.67 3.77
N TYR A 250 -10.29 -27.37 4.03
CA TYR A 250 -11.56 -26.66 4.18
C TYR A 250 -11.76 -25.51 3.21
N GLN A 251 -10.70 -25.01 2.58
CA GLN A 251 -10.73 -23.88 1.66
C GLN A 251 -11.65 -22.77 2.19
N PRO A 252 -11.34 -22.21 3.36
CA PRO A 252 -12.23 -21.19 3.93
C PRO A 252 -12.01 -19.85 3.27
N LYS A 253 -13.04 -19.01 3.37
CA LYS A 253 -12.92 -17.65 2.86
C LYS A 253 -12.01 -16.80 3.73
N ASP A 254 -11.92 -17.13 5.03
CA ASP A 254 -11.08 -16.43 5.99
C ASP A 254 -10.67 -17.37 7.12
N LEU A 255 -9.50 -17.11 7.70
CA LEU A 255 -8.93 -18.01 8.71
C LEU A 255 -7.81 -17.29 9.45
N PHE A 256 -7.71 -17.50 10.76
CA PHE A 256 -6.63 -16.92 11.54
C PHE A 256 -6.35 -17.78 12.77
N ALA A 257 -5.13 -17.69 13.25
CA ALA A 257 -4.70 -18.36 14.47
C ALA A 257 -3.77 -17.43 15.20
N VAL A 258 -3.83 -17.45 16.54
CA VAL A 258 -2.97 -16.59 17.33
C VAL A 258 -2.64 -17.28 18.64
N VAL A 259 -1.37 -17.15 19.06
CA VAL A 259 -0.86 -17.70 20.31
C VAL A 259 -0.40 -16.54 21.21
N MET A 260 -0.95 -16.47 22.41
CA MET A 260 -0.58 -15.42 23.35
C MET A 260 -0.07 -16.02 24.64
N ASP A 261 1.07 -15.54 25.09
CA ASP A 261 1.53 -15.87 26.44
C ASP A 261 0.43 -15.48 27.44
N ALA A 262 -0.01 -16.46 28.22
CA ALA A 262 -1.19 -16.23 29.05
C ALA A 262 -0.92 -15.31 30.24
N LYS A 263 0.33 -15.05 30.57
CA LYS A 263 0.66 -14.25 31.74
C LYS A 263 1.31 -12.92 31.40
N THR A 264 1.67 -12.67 30.14
CA THR A 264 2.25 -11.37 29.78
C THR A 264 1.52 -10.63 28.68
N GLY A 265 0.63 -11.27 27.92
CA GLY A 265 0.01 -10.60 26.80
C GLY A 265 0.86 -10.58 25.55
N GLU A 266 2.09 -11.08 25.61
CA GLU A 266 2.94 -11.19 24.44
C GLU A 266 2.28 -12.06 23.38
N ILE A 267 2.37 -11.61 22.13
CA ILE A 267 1.91 -12.37 20.96
C ILE A 267 3.06 -13.26 20.50
N LEU A 268 2.97 -14.57 20.74
CA LEU A 268 4.09 -15.43 20.40
C LEU A 268 4.09 -15.92 18.95
N ALA A 269 2.92 -15.97 18.31
CA ALA A 269 2.80 -16.37 16.91
C ALA A 269 1.43 -15.91 16.46
N TYR A 270 1.34 -15.46 15.21
CA TYR A 270 0.09 -15.03 14.57
C TYR A 270 0.20 -15.31 13.07
N SER A 271 -0.92 -15.69 12.44
CA SER A 271 -1.01 -15.79 10.99
C SER A 271 -2.48 -15.85 10.56
N GLN A 272 -2.70 -15.66 9.25
CA GLN A 272 -4.04 -15.69 8.66
C GLN A 272 -3.97 -16.25 7.25
N ARG A 273 -5.15 -16.63 6.74
CA ARG A 273 -5.32 -17.10 5.38
C ARG A 273 -6.62 -16.53 4.83
N PRO A 274 -6.63 -16.12 3.55
CA PRO A 274 -5.45 -16.08 2.68
C PRO A 274 -4.48 -14.97 3.07
N THR A 275 -3.23 -15.05 2.65
CA THR A 275 -2.24 -14.02 2.97
C THR A 275 -1.35 -13.86 1.75
N PHE A 276 -0.19 -13.25 1.93
CA PHE A 276 0.74 -13.02 0.83
C PHE A 276 2.13 -13.49 1.26
N ASN A 277 3.06 -13.44 0.30
CA ASN A 277 4.45 -13.82 0.50
C ASN A 277 5.32 -12.56 0.46
N PRO A 278 5.82 -12.07 1.61
CA PRO A 278 6.60 -10.82 1.60
C PRO A 278 7.79 -10.84 0.66
N GLU A 279 8.37 -12.01 0.38
CA GLU A 279 9.62 -12.04 -0.36
C GLU A 279 9.40 -11.86 -1.86
N THR A 280 8.33 -12.44 -2.41
CA THR A 280 8.01 -12.33 -3.83
C THR A 280 6.91 -11.33 -4.13
N GLY A 281 6.16 -10.89 -3.13
CA GLY A 281 5.01 -10.05 -3.42
C GLY A 281 3.76 -10.80 -3.84
N LYS A 282 3.85 -12.11 -4.05
CA LYS A 282 2.70 -12.92 -4.44
C LYS A 282 1.49 -12.61 -3.56
N ASP A 283 0.40 -12.20 -4.20
CA ASP A 283 -0.92 -11.97 -3.63
C ASP A 283 -0.96 -10.75 -2.73
N PHE A 284 0.08 -9.91 -2.75
CA PHE A 284 0.09 -8.68 -1.96
C PHE A 284 -0.92 -7.68 -2.47
N GLY A 285 -1.72 -7.15 -1.56
CA GLY A 285 -2.76 -6.23 -1.92
C GLY A 285 -4.10 -6.88 -2.11
N LYS A 286 -4.12 -8.21 -2.23
CA LYS A 286 -5.39 -8.90 -2.42
C LYS A 286 -6.30 -8.74 -1.21
N LYS A 287 -5.71 -8.67 -0.01
CA LYS A 287 -6.49 -8.45 1.20
C LYS A 287 -5.66 -7.60 2.15
N TRP A 288 -6.04 -6.33 2.32
CA TRP A 288 -5.25 -5.42 3.14
C TRP A 288 -5.40 -5.67 4.64
N ALA A 289 -6.53 -6.23 5.08
CA ALA A 289 -6.86 -6.23 6.50
C ALA A 289 -6.07 -7.29 7.28
N ASN A 290 -5.40 -6.86 8.35
CA ASN A 290 -4.81 -7.79 9.30
C ASN A 290 -5.94 -8.34 10.18
N ASP A 291 -6.10 -9.66 10.21
CA ASP A 291 -7.24 -10.26 10.92
C ASP A 291 -7.21 -9.95 12.41
N LEU A 292 -6.03 -9.88 13.02
CA LEU A 292 -5.94 -9.69 14.47
C LEU A 292 -6.43 -8.31 14.91
N TYR A 293 -6.07 -7.28 14.16
CA TYR A 293 -6.28 -5.92 14.61
C TYR A 293 -7.30 -5.15 13.79
N GLN A 294 -7.55 -5.56 12.55
CA GLN A 294 -8.23 -4.71 11.60
C GLN A 294 -9.54 -5.27 11.08
N ASN A 295 -9.72 -6.58 11.14
CA ASN A 295 -10.94 -7.29 10.73
C ASN A 295 -11.91 -7.45 11.90
N THR A 296 -13.18 -7.61 11.57
CA THR A 296 -14.19 -7.70 12.62
C THR A 296 -15.06 -8.94 12.42
N TYR A 297 -15.53 -9.47 13.54
CA TYR A 297 -16.28 -10.72 13.53
C TYR A 297 -17.47 -10.61 14.48
N GLU A 298 -18.55 -11.25 14.10
CA GLU A 298 -19.51 -11.70 15.09
C GLU A 298 -18.93 -12.96 15.73
N PRO A 299 -18.45 -12.90 16.98
CA PRO A 299 -17.61 -13.99 17.49
C PRO A 299 -18.36 -15.29 17.67
N GLY A 300 -19.67 -15.23 17.91
CA GLY A 300 -20.38 -16.42 18.30
C GLY A 300 -20.18 -16.76 19.78
N SER A 301 -20.34 -18.05 20.10
CA SER A 301 -20.49 -18.47 21.49
C SER A 301 -19.20 -18.30 22.31
N THR A 302 -18.08 -17.93 21.70
CA THR A 302 -16.95 -17.58 22.55
C THR A 302 -17.22 -16.33 23.37
N PHE A 303 -18.13 -15.49 22.90
CA PHE A 303 -18.54 -14.30 23.62
C PHE A 303 -19.29 -14.65 24.92
N LYS A 304 -19.83 -15.87 25.02
CA LYS A 304 -20.67 -16.19 26.17
C LYS A 304 -19.90 -16.11 27.48
N SER A 305 -18.57 -16.28 27.43
CA SER A 305 -17.79 -16.28 28.66
C SER A 305 -17.88 -14.95 29.37
N TYR A 306 -18.04 -13.86 28.63
CA TYR A 306 -18.06 -12.57 29.31
C TYR A 306 -19.43 -12.32 29.92
N GLY A 307 -20.48 -12.73 29.21
CA GLY A 307 -21.81 -12.76 29.82
C GLY A 307 -21.82 -13.61 31.08
N LEU A 308 -21.14 -14.76 31.04
CA LEU A 308 -21.07 -15.63 32.20
C LEU A 308 -20.31 -14.95 33.33
N ALA A 309 -19.20 -14.30 33.01
CA ALA A 309 -18.45 -13.60 34.04
C ALA A 309 -19.30 -12.55 34.73
N ALA A 310 -20.04 -11.75 33.95
CA ALA A 310 -20.97 -10.78 34.53
C ALA A 310 -21.98 -11.44 35.45
N ALA A 311 -22.73 -12.42 34.92
CA ALA A 311 -23.73 -13.10 35.72
C ALA A 311 -23.15 -13.65 37.02
N ILE A 312 -21.96 -14.26 36.94
CA ILE A 312 -21.33 -14.76 38.16
C ILE A 312 -21.15 -13.63 39.16
N GLN A 313 -20.54 -12.52 38.73
CA GLN A 313 -20.22 -11.45 39.67
C GLN A 313 -21.48 -10.75 40.17
N GLU A 314 -22.52 -10.67 39.33
CA GLU A 314 -23.80 -10.08 39.72
C GLU A 314 -24.64 -10.99 40.60
N GLY A 315 -24.25 -12.25 40.79
CA GLY A 315 -25.04 -13.21 41.55
C GLY A 315 -26.22 -13.82 40.81
N ALA A 316 -26.24 -13.77 39.48
CA ALA A 316 -27.33 -14.34 38.71
C ALA A 316 -27.05 -15.75 38.23
N PHE A 317 -25.78 -16.09 37.97
CA PHE A 317 -25.39 -17.45 37.60
C PHE A 317 -25.03 -18.20 38.88
N ASP A 318 -25.80 -19.25 39.17
CA ASP A 318 -25.42 -20.26 40.15
C ASP A 318 -25.27 -21.57 39.40
N PRO A 319 -24.10 -22.23 39.47
CA PRO A 319 -23.88 -23.41 38.63
C PRO A 319 -24.93 -24.50 38.79
N ASP A 320 -25.59 -24.58 39.95
CA ASP A 320 -26.52 -25.66 40.23
C ASP A 320 -27.99 -25.27 40.09
N LYS A 321 -28.31 -23.98 40.07
CA LYS A 321 -29.71 -23.56 39.94
C LYS A 321 -30.22 -23.93 38.56
N LYS A 322 -31.46 -24.41 38.50
CA LYS A 322 -32.02 -24.82 37.23
C LYS A 322 -32.52 -23.61 36.44
N TYR A 323 -32.73 -23.82 35.13
CA TYR A 323 -33.37 -22.79 34.30
C TYR A 323 -34.15 -23.47 33.19
N LYS A 324 -35.14 -22.75 32.64
CA LYS A 324 -35.99 -23.26 31.56
C LYS A 324 -35.23 -23.18 30.25
N SER A 325 -34.86 -24.32 29.68
CA SER A 325 -34.25 -24.36 28.36
C SER A 325 -35.35 -24.48 27.29
N GLY A 326 -34.93 -24.48 26.03
CA GLY A 326 -35.89 -24.52 24.93
C GLY A 326 -35.76 -23.34 23.99
N HIS A 327 -36.48 -22.26 24.26
CA HIS A 327 -36.44 -21.06 23.42
C HIS A 327 -36.90 -19.85 24.21
N ARG A 328 -36.67 -18.67 23.63
CA ARG A 328 -37.25 -17.42 24.10
C ARG A 328 -37.75 -16.66 22.89
N ASP A 329 -38.90 -16.01 23.04
CA ASP A 329 -39.50 -15.20 21.97
C ASP A 329 -39.09 -13.74 22.21
N ILE A 330 -38.29 -13.20 21.28
CA ILE A 330 -37.67 -11.89 21.40
C ILE A 330 -38.16 -11.04 20.23
N MET A 331 -38.97 -10.03 20.53
CA MET A 331 -39.46 -9.09 19.50
C MET A 331 -40.05 -9.84 18.30
N GLY A 332 -40.85 -10.86 18.58
CA GLY A 332 -41.47 -11.61 17.53
C GLY A 332 -40.60 -12.63 16.82
N SER A 333 -39.36 -12.84 17.25
CA SER A 333 -38.51 -13.90 16.72
C SER A 333 -38.29 -14.97 17.78
N ARG A 334 -38.36 -16.23 17.36
CA ARG A 334 -38.11 -17.37 18.25
C ARG A 334 -36.64 -17.73 18.15
N ILE A 335 -35.91 -17.61 19.26
CA ILE A 335 -34.50 -18.00 19.34
C ILE A 335 -34.40 -19.20 20.24
N SER A 336 -33.94 -20.31 19.68
CA SER A 336 -33.95 -21.61 20.34
C SER A 336 -32.53 -22.08 20.65
N ASP A 337 -32.44 -22.98 21.61
CA ASP A 337 -31.21 -23.74 21.76
C ASP A 337 -30.96 -24.56 20.51
N TRP A 338 -29.71 -25.01 20.35
CA TRP A 338 -29.28 -25.55 19.06
C TRP A 338 -30.03 -26.84 18.66
N ASN A 339 -30.61 -27.57 19.61
CA ASN A 339 -31.40 -28.77 19.31
C ASN A 339 -32.89 -28.49 19.23
N ARG A 340 -33.28 -27.21 19.11
CA ARG A 340 -34.66 -26.74 18.94
C ARG A 340 -35.53 -26.97 20.17
N VAL A 341 -35.47 -28.16 20.77
CA VAL A 341 -36.41 -28.51 21.83
C VAL A 341 -35.89 -28.15 23.21
N GLY A 342 -34.57 -28.08 23.39
CA GLY A 342 -34.00 -27.85 24.71
C GLY A 342 -33.78 -29.17 25.44
N TRP A 343 -33.61 -29.07 26.76
CA TRP A 343 -33.41 -30.24 27.60
C TRP A 343 -34.30 -30.20 28.83
N GLY A 344 -35.39 -29.45 28.77
CA GLY A 344 -36.20 -29.26 29.96
C GLY A 344 -35.49 -28.34 30.94
N GLU A 345 -35.81 -28.52 32.22
CA GLU A 345 -35.23 -27.72 33.29
C GLU A 345 -33.90 -28.34 33.71
N ILE A 346 -32.81 -27.66 33.38
CA ILE A 346 -31.46 -28.17 33.63
C ILE A 346 -30.67 -27.11 34.39
N PRO A 347 -29.62 -27.53 35.08
CA PRO A 347 -28.77 -26.59 35.80
C PRO A 347 -27.97 -25.69 34.87
N MET A 348 -27.65 -24.48 35.38
CA MET A 348 -26.96 -23.48 34.57
C MET A 348 -25.57 -23.91 34.14
N SER A 349 -24.87 -24.73 34.95
CA SER A 349 -23.55 -25.16 34.49
C SER A 349 -23.66 -26.03 33.25
N LEU A 350 -24.62 -26.95 33.25
CA LEU A 350 -24.80 -27.83 32.11
C LEU A 350 -25.17 -27.04 30.88
N GLY A 351 -26.02 -26.02 31.03
CA GLY A 351 -26.38 -25.21 29.89
C GLY A 351 -25.18 -24.56 29.24
N PHE A 352 -24.22 -24.09 30.06
CA PHE A 352 -23.00 -23.52 29.50
C PHE A 352 -22.15 -24.59 28.82
N THR A 353 -22.13 -25.81 29.38
CA THR A 353 -21.41 -26.92 28.74
C THR A 353 -21.98 -27.23 27.37
N TYR A 354 -23.30 -27.10 27.22
CA TYR A 354 -24.05 -27.31 25.99
C TYR A 354 -24.03 -26.12 25.02
N SER A 355 -23.55 -24.96 25.48
CA SER A 355 -23.66 -23.69 24.77
C SER A 355 -25.12 -23.36 24.51
N SER A 356 -25.90 -23.40 25.59
CA SER A 356 -27.31 -23.04 25.53
C SER A 356 -27.48 -21.53 25.30
N ASN A 357 -28.16 -21.16 24.22
CA ASN A 357 -28.45 -19.75 23.98
C ASN A 357 -29.45 -19.19 25.00
N THR A 358 -30.48 -19.96 25.37
CA THR A 358 -31.49 -19.43 26.28
C THR A 358 -30.92 -19.11 27.66
N LEU A 359 -29.93 -19.90 28.13
CA LEU A 359 -29.21 -19.56 29.35
C LEU A 359 -28.67 -18.13 29.30
N MET A 360 -27.97 -17.76 28.23
CA MET A 360 -27.41 -16.41 28.18
C MET A 360 -28.51 -15.35 28.11
N MET A 361 -29.61 -15.64 27.42
CA MET A 361 -30.70 -14.67 27.40
C MET A 361 -31.35 -14.58 28.77
N HIS A 362 -31.53 -15.72 29.43
CA HIS A 362 -32.04 -15.71 30.79
C HIS A 362 -31.13 -14.93 31.72
N LEU A 363 -29.81 -15.16 31.62
CA LEU A 363 -28.88 -14.42 32.47
C LEU A 363 -28.95 -12.93 32.19
N GLN A 364 -29.08 -12.56 30.91
CA GLN A 364 -29.25 -11.14 30.57
C GLN A 364 -30.49 -10.57 31.26
N ASP A 365 -31.63 -11.26 31.15
CA ASP A 365 -32.84 -10.83 31.83
C ASP A 365 -32.60 -10.61 33.32
N LEU A 366 -31.82 -11.48 33.95
CA LEU A 366 -31.54 -11.36 35.38
C LEU A 366 -30.70 -10.12 35.68
N VAL A 367 -29.58 -9.94 34.97
CA VAL A 367 -28.67 -8.84 35.26
C VAL A 367 -29.30 -7.50 34.89
N GLY A 368 -29.89 -7.42 33.70
CA GLY A 368 -30.48 -6.19 33.21
C GLY A 368 -29.79 -5.71 31.95
N ALA A 369 -30.53 -5.15 31.01
CA ALA A 369 -29.92 -4.75 29.75
C ALA A 369 -28.83 -3.71 29.96
N ASP A 370 -29.15 -2.65 30.70
CA ASP A 370 -28.17 -1.59 30.89
C ASP A 370 -26.91 -2.13 31.57
N LYS A 371 -27.07 -2.87 32.66
CA LYS A 371 -25.90 -3.37 33.36
C LYS A 371 -25.05 -4.25 32.45
N MET A 372 -25.70 -5.09 31.63
CA MET A 372 -24.97 -5.95 30.73
C MET A 372 -24.17 -5.14 29.71
N LYS A 373 -24.67 -3.98 29.29
CA LYS A 373 -23.91 -3.17 28.35
C LYS A 373 -22.63 -2.65 28.99
N SER A 374 -22.72 -2.13 30.21
CA SER A 374 -21.51 -1.71 30.91
C SER A 374 -20.55 -2.88 31.04
N TRP A 375 -21.07 -4.08 31.34
CA TRP A 375 -20.21 -5.25 31.49
C TRP A 375 -19.36 -5.48 30.25
N TYR A 376 -20.02 -5.64 29.07
CA TYR A 376 -19.24 -5.88 27.86
C TYR A 376 -18.29 -4.72 27.57
N GLU A 377 -18.71 -3.49 27.91
CA GLU A 377 -17.84 -2.32 27.78
C GLU A 377 -16.62 -2.43 28.71
N ARG A 378 -16.84 -2.89 29.94
CA ARG A 378 -15.72 -3.00 30.87
C ARG A 378 -14.81 -4.18 30.57
N PHE A 379 -15.25 -5.12 29.75
CA PHE A 379 -14.35 -6.14 29.24
C PHE A 379 -13.60 -5.67 28.01
N GLY A 380 -13.70 -4.38 27.67
CA GLY A 380 -12.93 -3.82 26.58
C GLY A 380 -13.59 -3.81 25.21
N PHE A 381 -14.81 -4.32 25.07
CA PHE A 381 -15.34 -4.39 23.71
C PHE A 381 -15.89 -3.04 23.29
N GLY A 382 -16.00 -2.85 21.98
CA GLY A 382 -16.47 -1.59 21.47
C GLY A 382 -15.43 -0.49 21.40
N LYS A 383 -14.23 -0.71 21.93
CA LYS A 383 -13.15 0.27 21.80
C LYS A 383 -11.89 -0.44 21.37
N SER A 384 -11.06 0.28 20.62
CA SER A 384 -9.73 -0.21 20.32
C SER A 384 -8.97 -0.54 21.61
N THR A 385 -8.12 -1.57 21.55
CA THR A 385 -7.22 -1.87 22.65
C THR A 385 -6.02 -0.95 22.71
N LYS A 386 -5.88 -0.04 21.75
CA LYS A 386 -4.80 0.95 21.67
C LYS A 386 -3.44 0.30 21.43
N GLY A 387 -3.43 -0.78 20.66
CA GLY A 387 -2.20 -1.43 20.28
C GLY A 387 -1.39 -0.61 19.28
N MET A 388 -0.30 -1.20 18.83
CA MET A 388 0.61 -0.49 17.93
C MET A 388 0.43 -0.90 16.47
N PHE A 389 -0.67 -1.52 16.12
CA PHE A 389 -0.97 -1.74 14.71
C PHE A 389 -1.78 -0.56 14.23
N ASP A 390 -1.65 -0.24 12.94
CA ASP A 390 -2.37 0.86 12.33
C ASP A 390 -3.83 0.52 12.08
N GLY A 391 -4.68 1.54 12.18
CA GLY A 391 -6.09 1.41 11.86
C GLY A 391 -6.84 0.33 12.60
N GLU A 392 -6.62 0.22 13.93
CA GLU A 392 -7.21 -0.84 14.74
C GLU A 392 -8.72 -0.67 14.82
N ALA A 393 -9.43 -1.71 14.52
CA ALA A 393 -10.87 -1.57 14.48
C ALA A 393 -11.45 -1.57 15.89
N PRO A 394 -12.54 -0.82 16.12
CA PRO A 394 -13.13 -0.80 17.46
C PRO A 394 -14.22 -1.84 17.71
N GLY A 395 -14.76 -2.44 16.68
CA GLY A 395 -15.93 -3.25 16.91
C GLY A 395 -17.12 -2.35 17.25
N GLN A 396 -18.21 -2.99 17.68
CA GLN A 396 -19.30 -2.25 18.30
C GLN A 396 -20.18 -3.22 19.08
N ILE A 397 -20.74 -2.71 20.17
CA ILE A 397 -21.64 -3.49 21.02
C ILE A 397 -23.06 -3.32 20.47
N GLY A 398 -23.60 -4.39 19.88
CA GLY A 398 -24.92 -4.32 19.25
C GLY A 398 -26.04 -4.28 20.25
N TRP A 399 -26.57 -3.09 20.51
CA TRP A 399 -27.51 -2.89 21.62
C TRP A 399 -28.73 -2.05 21.24
N SER A 400 -29.06 -1.93 19.95
CA SER A 400 -30.08 -0.95 19.56
C SER A 400 -31.47 -1.33 20.04
N ASN A 401 -31.74 -2.63 20.21
CA ASN A 401 -33.05 -3.11 20.62
C ASN A 401 -32.88 -4.46 21.31
N GLU A 402 -33.99 -4.97 21.83
CA GLU A 402 -33.94 -6.20 22.61
C GLU A 402 -33.34 -7.33 21.78
N LEU A 403 -33.74 -7.45 20.51
CA LEU A 403 -33.24 -8.50 19.65
C LEU A 403 -31.72 -8.41 19.50
N GLN A 404 -31.21 -7.20 19.25
CA GLN A 404 -29.76 -7.03 19.18
C GLN A 404 -29.11 -7.35 20.53
N GLN A 405 -29.69 -6.85 21.63
CA GLN A 405 -29.12 -7.11 22.94
C GLN A 405 -29.07 -8.60 23.23
N LYS A 406 -30.18 -9.30 22.96
CA LYS A 406 -30.30 -10.73 23.29
C LYS A 406 -29.39 -11.58 22.42
N THR A 407 -29.27 -11.27 21.12
CA THR A 407 -28.36 -12.03 20.26
C THR A 407 -26.91 -11.72 20.60
N SER A 408 -26.63 -10.53 21.11
CA SER A 408 -25.27 -10.19 21.53
C SER A 408 -24.80 -11.08 22.66
N SER A 409 -25.74 -11.58 23.47
CA SER A 409 -25.36 -12.42 24.60
C SER A 409 -24.71 -13.70 24.13
N PHE A 410 -25.06 -14.21 22.94
CA PHE A 410 -24.36 -15.36 22.38
C PHE A 410 -23.52 -14.99 21.16
N GLY A 411 -23.05 -13.73 21.10
CA GLY A 411 -22.00 -13.35 20.19
C GLY A 411 -22.40 -13.02 18.77
N GLN A 412 -23.66 -12.68 18.52
CA GLN A 412 -24.10 -12.15 17.24
C GLN A 412 -24.46 -10.66 17.38
N SER A 413 -24.65 -10.01 16.24
CA SER A 413 -24.91 -8.58 16.17
C SER A 413 -23.71 -7.75 16.61
N THR A 414 -23.31 -7.90 17.87
CA THR A 414 -22.05 -7.32 18.32
C THR A 414 -20.88 -7.83 17.48
N THR A 415 -19.99 -6.93 17.09
CA THR A 415 -18.77 -7.31 16.36
C THR A 415 -17.52 -6.96 17.18
N VAL A 416 -16.48 -7.79 17.00
CA VAL A 416 -15.25 -7.66 17.76
C VAL A 416 -14.06 -7.97 16.83
N THR A 417 -12.86 -7.55 17.28
CA THR A 417 -11.56 -7.93 16.77
C THR A 417 -11.03 -9.09 17.59
N PRO A 418 -10.23 -9.98 16.97
CA PRO A 418 -9.62 -11.06 17.78
C PRO A 418 -8.78 -10.54 18.92
N VAL A 419 -8.16 -9.38 18.76
CA VAL A 419 -7.32 -8.82 19.82
C VAL A 419 -8.17 -8.43 21.03
N GLN A 420 -9.40 -7.94 20.81
CA GLN A 420 -10.30 -7.69 21.94
C GLN A 420 -10.60 -8.98 22.68
N MET A 421 -10.92 -10.05 21.94
CA MET A 421 -11.25 -11.33 22.56
C MET A 421 -10.10 -11.85 23.41
N LEU A 422 -8.89 -11.74 22.88
CA LEU A 422 -7.70 -12.14 23.63
C LEU A 422 -7.54 -11.30 24.89
N GLN A 423 -7.80 -9.99 24.79
CA GLN A 423 -7.63 -9.11 25.93
C GLN A 423 -8.62 -9.49 27.03
N ALA A 424 -9.89 -9.66 26.66
CA ALA A 424 -10.91 -10.03 27.63
C ALA A 424 -10.64 -11.41 28.21
N GLN A 425 -10.31 -12.37 27.34
CA GLN A 425 -10.09 -13.73 27.83
C GLN A 425 -8.98 -13.80 28.89
N SER A 426 -7.95 -12.97 28.74
CA SER A 426 -6.84 -13.03 29.69
C SER A 426 -7.29 -12.73 31.13
N ALA A 427 -8.45 -12.10 31.31
CA ALA A 427 -8.90 -11.79 32.67
C ALA A 427 -9.04 -13.06 33.50
N PHE A 428 -9.46 -14.15 32.87
CA PHE A 428 -9.76 -15.33 33.66
C PHE A 428 -8.52 -15.98 34.23
N PHE A 429 -7.33 -15.59 33.77
CA PHE A 429 -6.08 -16.20 34.21
C PHE A 429 -5.12 -15.22 34.88
N ASN A 430 -5.59 -14.03 35.24
CA ASN A 430 -4.76 -13.06 35.93
C ASN A 430 -5.53 -12.39 37.07
N ASP A 431 -6.24 -13.20 37.84
CA ASP A 431 -7.04 -12.73 38.97
C ASP A 431 -8.05 -11.68 38.53
N GLY A 432 -8.46 -11.70 37.27
CA GLY A 432 -9.40 -10.74 36.74
C GLY A 432 -8.79 -9.57 36.02
N ASN A 433 -7.47 -9.41 36.04
CA ASN A 433 -6.80 -8.32 35.34
C ASN A 433 -6.72 -8.66 33.87
N MET A 434 -7.28 -7.79 33.03
CA MET A 434 -7.10 -7.91 31.58
C MET A 434 -5.71 -7.44 31.22
N LEU A 435 -5.03 -8.20 30.37
CA LEU A 435 -3.73 -7.81 29.83
C LEU A 435 -3.87 -7.18 28.45
N LYS A 436 -3.20 -6.06 28.24
CA LYS A 436 -3.12 -5.51 26.90
C LYS A 436 -2.22 -6.38 26.04
N PRO A 437 -2.73 -7.01 24.97
CA PRO A 437 -1.84 -7.81 24.12
C PRO A 437 -0.84 -6.91 23.42
N TRP A 438 0.34 -7.46 23.13
CA TRP A 438 1.40 -6.65 22.55
C TRP A 438 2.37 -7.52 21.80
N PHE A 439 2.93 -6.96 20.72
CA PHE A 439 3.81 -7.71 19.87
C PHE A 439 5.12 -7.01 19.53
N VAL A 440 5.34 -5.76 19.93
CA VAL A 440 6.59 -5.07 19.65
C VAL A 440 7.43 -5.06 20.93
N ASN A 441 8.55 -5.75 20.88
CA ASN A 441 9.39 -5.83 22.04
C ASN A 441 10.36 -4.66 22.16
N SER A 442 10.86 -4.13 21.04
CA SER A 442 11.90 -3.11 21.12
C SER A 442 12.04 -2.40 19.78
N VAL A 443 12.22 -1.09 19.81
CA VAL A 443 12.74 -0.37 18.65
C VAL A 443 14.01 0.31 19.10
N GLU A 444 15.12 0.03 18.40
CA GLU A 444 16.43 0.52 18.83
C GLU A 444 17.42 0.50 17.67
N ASN A 445 18.43 1.32 17.81
CA ASN A 445 19.44 1.43 16.76
C ASN A 445 20.73 0.72 17.15
N PRO A 446 21.22 -0.20 16.31
CA PRO A 446 22.38 -1.03 16.70
C PRO A 446 23.72 -0.32 16.63
N VAL A 447 23.80 0.86 16.01
CA VAL A 447 25.06 1.60 15.97
C VAL A 447 25.21 2.52 17.17
N SER A 448 24.18 3.28 17.50
CA SER A 448 24.24 4.20 18.62
C SER A 448 23.84 3.55 19.94
N LYS A 449 23.12 2.44 19.89
CA LYS A 449 22.58 1.70 21.03
C LYS A 449 21.41 2.42 21.67
N ARG A 450 20.88 3.46 21.03
CA ARG A 450 19.71 4.16 21.55
C ARG A 450 18.48 3.27 21.51
N GLN A 451 17.76 3.20 22.60
CA GLN A 451 16.48 2.50 22.60
C GLN A 451 15.35 3.51 22.56
N PHE A 452 14.57 3.47 21.49
CA PHE A 452 13.47 4.42 21.36
C PHE A 452 12.20 3.94 22.06
N TYR A 453 12.05 2.62 22.20
CA TYR A 453 10.81 2.06 22.72
C TYR A 453 11.09 0.65 23.22
N LYS A 454 10.40 0.27 24.30
CA LYS A 454 10.51 -1.08 24.86
C LYS A 454 9.12 -1.54 25.29
N GLY A 455 8.67 -2.69 24.78
CA GLY A 455 7.34 -3.16 25.14
C GLY A 455 7.32 -3.77 26.52
N GLN A 456 6.12 -3.84 27.09
CA GLN A 456 5.97 -4.36 28.44
C GLN A 456 4.54 -4.82 28.66
N LYS A 457 4.39 -5.69 29.66
CA LYS A 457 3.09 -6.11 30.16
C LYS A 457 2.33 -4.90 30.67
N GLN A 458 1.03 -4.84 30.39
CA GLN A 458 0.21 -3.72 30.88
C GLN A 458 -1.20 -4.18 31.18
N ILE A 459 -1.71 -3.76 32.33
CA ILE A 459 -3.05 -4.20 32.75
C ILE A 459 -4.06 -3.30 32.05
N ALA A 460 -4.87 -3.90 31.16
CA ALA A 460 -5.89 -3.13 30.45
C ALA A 460 -7.04 -2.72 31.35
N GLY A 461 -7.27 -3.44 32.44
CA GLY A 461 -8.36 -3.16 33.35
C GLY A 461 -8.71 -4.43 34.08
N LYS A 462 -9.26 -4.32 35.29
CA LYS A 462 -9.69 -5.46 36.08
C LYS A 462 -11.21 -5.48 36.21
N PRO A 463 -11.92 -6.03 35.23
CA PRO A 463 -13.38 -5.93 35.25
C PRO A 463 -14.05 -6.86 36.23
N ILE A 464 -13.39 -7.96 36.64
CA ILE A 464 -13.97 -8.95 37.55
C ILE A 464 -13.00 -9.21 38.71
N THR A 465 -13.50 -9.88 39.72
CA THR A 465 -12.70 -10.28 40.86
C THR A 465 -11.99 -11.60 40.62
N LYS A 466 -10.98 -11.86 41.45
CA LYS A 466 -10.28 -13.14 41.43
C LYS A 466 -11.26 -14.30 41.53
N ASP A 467 -12.21 -14.21 42.46
CA ASP A 467 -13.23 -15.24 42.64
C ASP A 467 -14.08 -15.45 41.37
N THR A 468 -14.48 -14.38 40.70
CA THR A 468 -15.25 -14.55 39.45
C THR A 468 -14.42 -15.22 38.36
N ALA A 469 -13.14 -14.84 38.24
CA ALA A 469 -12.28 -15.48 37.26
C ALA A 469 -12.22 -16.98 37.50
N GLU A 470 -11.95 -17.39 38.75
CA GLU A 470 -11.88 -18.80 39.06
C GLU A 470 -13.17 -19.51 38.67
N LYS A 471 -14.31 -18.88 38.92
CA LYS A 471 -15.60 -19.51 38.61
C LYS A 471 -15.85 -19.60 37.11
N VAL A 472 -15.49 -18.57 36.33
CA VAL A 472 -15.53 -18.69 34.87
C VAL A 472 -14.67 -19.86 34.42
N GLU A 473 -13.44 -19.94 34.96
CA GLU A 473 -12.50 -20.96 34.51
C GLU A 473 -13.05 -22.36 34.76
N LYS A 474 -13.81 -22.53 35.83
CA LYS A 474 -14.38 -23.85 36.10
C LYS A 474 -15.37 -24.26 35.01
N GLN A 475 -16.15 -23.31 34.48
CA GLN A 475 -17.09 -23.66 33.42
C GLN A 475 -16.38 -23.89 32.09
N LEU A 476 -15.24 -23.21 31.85
CA LEU A 476 -14.46 -23.46 30.65
C LEU A 476 -13.82 -24.84 30.70
N ASP A 477 -13.40 -25.28 31.89
CA ASP A 477 -12.93 -26.65 32.11
C ASP A 477 -14.02 -27.66 31.76
N LEU A 478 -15.23 -27.44 32.27
CA LEU A 478 -16.32 -28.37 31.99
C LEU A 478 -16.73 -28.34 30.52
N VAL A 479 -16.53 -27.23 29.82
CA VAL A 479 -16.95 -27.16 28.41
C VAL A 479 -16.25 -28.27 27.60
N VAL A 480 -15.00 -28.55 27.92
CA VAL A 480 -14.18 -29.51 27.19
C VAL A 480 -14.20 -30.88 27.85
N ASN A 481 -14.26 -30.92 29.18
CA ASN A 481 -13.96 -32.16 29.89
C ASN A 481 -15.10 -32.74 30.73
N SER A 482 -16.30 -32.15 30.68
CA SER A 482 -17.45 -32.79 31.32
C SER A 482 -17.79 -34.08 30.58
N LYS A 483 -18.36 -35.04 31.31
CA LYS A 483 -18.77 -36.27 30.63
C LYS A 483 -19.82 -35.99 29.56
N LYS A 484 -20.56 -34.88 29.68
CA LYS A 484 -21.57 -34.49 28.69
C LYS A 484 -21.05 -33.43 27.70
N SER A 485 -19.73 -33.26 27.61
CA SER A 485 -19.18 -32.23 26.74
C SER A 485 -19.45 -32.50 25.27
N HIS A 486 -19.60 -31.43 24.49
CA HIS A 486 -19.75 -31.50 23.05
C HIS A 486 -18.52 -30.97 22.34
N ALA A 487 -17.37 -30.99 23.02
CA ALA A 487 -16.13 -30.40 22.52
C ALA A 487 -14.92 -31.30 22.74
N ALA A 488 -15.12 -32.61 22.84
CA ALA A 488 -14.02 -33.52 23.16
C ALA A 488 -12.99 -33.65 22.05
N ASN A 489 -13.30 -33.20 20.84
CA ASN A 489 -12.33 -33.21 19.75
C ASN A 489 -11.21 -32.20 19.95
N TYR A 490 -11.35 -31.26 20.89
CA TYR A 490 -10.30 -30.31 21.24
C TYR A 490 -9.35 -30.84 22.31
N ARG A 491 -9.59 -32.03 22.83
CA ARG A 491 -8.67 -32.63 23.79
C ARG A 491 -7.35 -33.00 23.12
N ILE A 492 -6.28 -32.99 23.92
CA ILE A 492 -4.95 -33.38 23.46
C ILE A 492 -4.38 -34.38 24.45
N ASP A 493 -3.77 -35.44 23.94
CA ASP A 493 -3.14 -36.45 24.79
C ASP A 493 -2.00 -35.86 25.61
N GLY A 494 -2.02 -36.10 26.93
CA GLY A 494 -0.97 -35.64 27.79
C GLY A 494 -1.16 -34.27 28.39
N TYR A 495 -2.14 -33.50 27.92
CA TYR A 495 -2.31 -32.10 28.30
C TYR A 495 -3.76 -31.80 28.66
N GLU A 496 -3.95 -31.19 29.81
CA GLU A 496 -5.27 -30.77 30.23
C GLU A 496 -5.65 -29.48 29.51
N VAL A 497 -6.71 -29.54 28.70
CA VAL A 497 -7.10 -28.43 27.82
C VAL A 497 -8.44 -27.85 28.28
N GLU A 498 -8.65 -26.55 28.04
CA GLU A 498 -9.93 -25.91 28.30
C GLU A 498 -10.13 -24.76 27.32
N GLY A 499 -11.38 -24.32 27.21
CA GLY A 499 -11.72 -23.22 26.34
C GLY A 499 -13.21 -23.20 26.07
N LYS A 500 -13.60 -22.35 25.11
CA LYS A 500 -14.99 -22.17 24.70
C LYS A 500 -15.09 -22.21 23.18
N THR A 501 -16.16 -22.84 22.69
CA THR A 501 -16.38 -23.02 21.27
C THR A 501 -17.32 -21.95 20.71
N GLY A 502 -17.29 -21.82 19.38
CA GLY A 502 -18.14 -20.87 18.70
C GLY A 502 -18.51 -21.39 17.32
N THR A 503 -19.80 -21.30 16.98
CA THR A 503 -20.28 -21.57 15.64
C THR A 503 -21.26 -20.44 15.34
N ALA A 504 -20.82 -19.47 14.53
CA ALA A 504 -21.49 -18.20 14.39
C ALA A 504 -21.94 -17.97 12.95
N GLN A 505 -23.04 -17.26 12.80
CA GLN A 505 -23.48 -16.89 11.47
C GLN A 505 -22.71 -15.65 11.01
N VAL A 506 -22.56 -15.51 9.69
CA VAL A 506 -21.67 -14.53 9.09
C VAL A 506 -22.50 -13.61 8.21
N ALA A 507 -22.34 -12.31 8.42
CA ALA A 507 -23.16 -11.33 7.70
C ALA A 507 -22.70 -11.21 6.25
N ALA A 508 -23.66 -11.03 5.35
CA ALA A 508 -23.35 -10.84 3.94
C ALA A 508 -22.71 -9.47 3.70
N PRO A 509 -21.55 -9.41 3.02
CA PRO A 509 -20.86 -8.12 2.85
C PRO A 509 -21.70 -7.10 2.10
N ASN A 510 -22.27 -7.51 0.98
CA ASN A 510 -23.30 -6.73 0.31
C ASN A 510 -24.62 -7.46 0.50
N GLY A 511 -25.60 -6.75 1.04
CA GLY A 511 -26.89 -7.31 1.34
C GLY A 511 -27.28 -6.97 2.76
N GLY A 512 -28.43 -7.48 3.16
CA GLY A 512 -28.90 -7.19 4.49
C GLY A 512 -29.04 -8.41 5.38
N GLY A 513 -28.54 -9.56 4.93
CA GLY A 513 -28.72 -10.75 5.75
C GLY A 513 -27.45 -11.50 6.12
N TYR A 514 -27.62 -12.67 6.73
CA TYR A 514 -26.53 -13.60 6.98
C TYR A 514 -26.27 -14.45 5.75
N VAL A 515 -25.01 -14.81 5.54
CA VAL A 515 -24.68 -15.76 4.48
C VAL A 515 -25.51 -17.03 4.68
N LYS A 516 -26.12 -17.50 3.60
CA LYS A 516 -26.98 -18.67 3.64
C LYS A 516 -26.21 -19.88 3.12
N GLY A 517 -26.63 -21.08 3.54
CA GLY A 517 -25.96 -22.29 3.13
C GLY A 517 -26.13 -23.46 4.07
N PRO A 518 -25.53 -24.61 3.72
CA PRO A 518 -25.66 -25.80 4.57
C PRO A 518 -25.05 -25.62 5.94
N ASN A 519 -23.86 -25.00 6.02
CA ASN A 519 -23.19 -24.74 7.28
C ASN A 519 -22.39 -23.46 7.15
N PRO A 520 -23.06 -22.32 7.03
CA PRO A 520 -22.37 -21.06 6.71
C PRO A 520 -21.84 -20.39 7.97
N TYR A 521 -20.84 -21.01 8.58
CA TYR A 521 -20.46 -20.65 9.93
C TYR A 521 -19.04 -20.14 9.99
N PHE A 522 -18.83 -19.22 10.94
CA PHE A 522 -17.53 -18.84 11.47
C PHE A 522 -17.34 -19.65 12.76
N VAL A 523 -16.49 -20.69 12.70
CA VAL A 523 -16.25 -21.61 13.79
C VAL A 523 -14.96 -21.21 14.50
N SER A 524 -14.96 -21.30 15.83
CA SER A 524 -13.79 -20.82 16.56
C SER A 524 -13.69 -21.53 17.90
N PHE A 525 -12.51 -21.44 18.48
CA PHE A 525 -12.25 -21.98 19.79
C PHE A 525 -11.31 -21.03 20.50
N MET A 526 -11.64 -20.67 21.73
CA MET A 526 -10.80 -19.79 22.54
C MET A 526 -10.26 -20.63 23.69
N GLY A 527 -9.10 -21.24 23.47
CA GLY A 527 -8.56 -22.24 24.36
C GLY A 527 -7.26 -21.86 25.04
N ASP A 528 -6.99 -22.56 26.14
CA ASP A 528 -5.78 -22.36 26.90
C ASP A 528 -5.44 -23.67 27.57
N ALA A 529 -4.15 -23.84 27.86
CA ALA A 529 -3.62 -25.04 28.51
C ALA A 529 -2.24 -24.70 29.03
N PRO A 530 -1.76 -25.39 30.08
CA PRO A 530 -2.52 -26.34 30.91
C PRO A 530 -3.71 -25.66 31.57
N LYS A 531 -4.78 -26.40 31.84
CA LYS A 531 -5.97 -25.74 32.36
C LYS A 531 -5.71 -25.15 33.74
N LYS A 532 -6.52 -24.14 34.08
CA LYS A 532 -6.41 -23.34 35.30
C LYS A 532 -5.20 -22.41 35.32
N ASN A 533 -3.99 -22.95 35.13
CA ASN A 533 -2.75 -22.15 35.09
C ASN A 533 -2.10 -22.33 33.72
N PRO A 534 -2.67 -21.71 32.69
CA PRO A 534 -2.17 -21.95 31.34
C PRO A 534 -0.88 -21.19 31.09
N LYS A 535 -0.08 -21.75 30.18
CA LYS A 535 1.08 -21.03 29.70
C LYS A 535 0.76 -20.16 28.49
N VAL A 536 -0.17 -20.57 27.63
CA VAL A 536 -0.53 -19.79 26.44
C VAL A 536 -2.03 -19.88 26.20
N ILE A 537 -2.55 -18.84 25.58
CA ILE A 537 -3.88 -18.83 25.02
C ILE A 537 -3.75 -19.00 23.52
N VAL A 538 -4.61 -19.83 22.96
CA VAL A 538 -4.68 -20.04 21.51
C VAL A 538 -6.08 -19.71 21.08
N TYR A 539 -6.20 -18.78 20.13
CA TYR A 539 -7.46 -18.37 19.55
C TYR A 539 -7.40 -18.68 18.05
N ALA A 540 -8.38 -19.42 17.56
CA ALA A 540 -8.40 -19.75 16.13
C ALA A 540 -9.82 -19.67 15.64
N GLY A 541 -9.99 -19.08 14.46
CA GLY A 541 -11.31 -19.00 13.84
C GLY A 541 -11.18 -19.23 12.36
N MET A 542 -12.24 -19.79 11.78
CA MET A 542 -12.31 -20.14 10.37
C MET A 542 -13.67 -19.72 9.82
N SER A 543 -13.68 -18.84 8.82
CA SER A 543 -14.91 -18.29 8.27
C SER A 543 -15.23 -18.98 6.95
N LEU A 544 -16.39 -19.64 6.89
CA LEU A 544 -17.05 -20.05 5.66
C LEU A 544 -16.20 -21.04 4.83
N ALA A 545 -16.04 -22.23 5.40
CA ALA A 545 -15.41 -23.31 4.64
C ALA A 545 -16.15 -23.54 3.34
N GLN A 546 -15.41 -23.64 2.24
CA GLN A 546 -15.99 -23.92 0.93
C GLN A 546 -15.83 -25.37 0.53
N LYS A 547 -14.93 -26.09 1.18
CA LYS A 547 -14.75 -27.53 1.00
C LYS A 547 -14.93 -28.17 2.37
N ASN A 548 -15.61 -29.31 2.40
CA ASN A 548 -15.79 -30.06 3.64
C ASN A 548 -16.51 -29.22 4.69
N ASP A 549 -17.55 -28.49 4.26
CA ASP A 549 -18.21 -27.56 5.19
C ASP A 549 -18.98 -28.30 6.28
N GLN A 550 -19.36 -29.55 6.06
CA GLN A 550 -19.98 -30.32 7.13
C GLN A 550 -18.99 -30.63 8.25
N GLU A 551 -17.80 -31.12 7.90
CA GLU A 551 -16.80 -31.43 8.92
C GLU A 551 -16.36 -30.17 9.67
N ALA A 552 -16.31 -29.04 8.96
CA ALA A 552 -16.01 -27.76 9.61
C ALA A 552 -16.98 -27.49 10.75
N TYR A 553 -18.26 -27.81 10.55
CA TYR A 553 -19.25 -27.62 11.61
C TYR A 553 -19.02 -28.61 12.75
N GLU A 554 -18.69 -29.86 12.44
CA GLU A 554 -18.53 -30.87 13.49
C GLU A 554 -17.22 -30.73 14.26
N LEU A 555 -16.15 -30.30 13.61
CA LEU A 555 -14.85 -30.25 14.26
C LEU A 555 -14.37 -28.83 14.56
N GLY A 556 -15.06 -27.80 14.09
CA GLY A 556 -14.59 -26.45 14.32
C GLY A 556 -13.15 -26.28 13.88
N VAL A 557 -12.36 -25.58 14.68
CA VAL A 557 -10.96 -25.37 14.35
C VAL A 557 -10.08 -26.40 15.05
N SER A 558 -10.64 -27.54 15.46
CA SER A 558 -9.88 -28.45 16.30
C SER A 558 -8.64 -28.98 15.57
N LYS A 559 -8.75 -29.24 14.26
CA LYS A 559 -7.61 -29.70 13.47
C LYS A 559 -6.48 -28.67 13.37
N ALA A 560 -6.71 -27.43 13.81
CA ALA A 560 -5.67 -26.41 13.94
C ALA A 560 -5.25 -26.18 15.39
N PHE A 561 -6.21 -26.14 16.32
CA PHE A 561 -5.89 -25.88 17.73
C PHE A 561 -5.02 -26.98 18.32
N LYS A 562 -5.36 -28.24 18.05
CA LYS A 562 -4.62 -29.35 18.64
C LYS A 562 -3.14 -29.28 18.24
N PRO A 563 -2.77 -29.28 16.95
CA PRO A 563 -1.32 -29.25 16.64
C PRO A 563 -0.64 -27.98 17.08
N ILE A 564 -1.30 -26.81 16.99
CA ILE A 564 -0.71 -25.58 17.51
C ILE A 564 -0.46 -25.73 19.01
N MET A 565 -1.52 -26.00 19.78
CA MET A 565 -1.38 -26.06 21.24
C MET A 565 -0.39 -27.15 21.68
N GLU A 566 -0.51 -28.35 21.13
CA GLU A 566 0.40 -29.43 21.55
C GLU A 566 1.85 -29.09 21.23
N ASN A 567 2.14 -28.61 20.02
CA ASN A 567 3.55 -28.35 19.69
C ASN A 567 4.13 -27.21 20.51
N THR A 568 3.31 -26.21 20.81
CA THR A 568 3.76 -25.11 21.63
C THR A 568 4.00 -25.55 23.08
N LEU A 569 3.02 -26.26 23.67
CA LEU A 569 3.21 -26.74 25.04
C LEU A 569 4.48 -27.57 25.16
N LYS A 570 4.82 -28.36 24.13
CA LYS A 570 6.05 -29.15 24.17
C LYS A 570 7.28 -28.26 24.00
N TYR A 571 7.25 -27.36 23.02
CA TYR A 571 8.35 -26.43 22.84
C TYR A 571 8.60 -25.62 24.10
N LEU A 572 7.55 -25.33 24.86
CA LEU A 572 7.67 -24.57 26.10
C LEU A 572 8.02 -25.45 27.30
N ASN A 573 8.38 -26.73 27.09
CA ASN A 573 8.81 -27.64 28.16
C ASN A 573 7.73 -27.83 29.23
N VAL A 574 6.47 -27.83 28.83
CA VAL A 574 5.40 -28.18 29.75
C VAL A 574 5.34 -29.70 29.80
N GLY A 575 5.21 -30.27 30.99
CA GLY A 575 5.28 -31.72 31.15
C GLY A 575 4.00 -32.42 30.70
N LYS A 576 4.15 -33.44 29.86
CA LYS A 576 3.01 -34.20 29.33
C LYS A 576 2.20 -34.94 30.41
N GLN B 48 -24.27 -3.06 6.10
CA GLN B 48 -23.14 -3.24 5.21
C GLN B 48 -22.17 -2.07 5.33
N GLN B 49 -21.36 -1.78 4.20
CA GLN B 49 -20.41 -0.68 4.35
C GLN B 49 -21.07 0.64 3.96
N PRO B 50 -20.70 1.73 4.63
CA PRO B 50 -21.09 3.04 4.12
C PRO B 50 -20.46 3.29 2.76
N GLU B 51 -21.11 4.13 1.96
CA GLU B 51 -20.58 4.47 0.64
C GLU B 51 -19.38 5.39 0.78
N ARG B 52 -18.28 4.97 0.20
CA ARG B 52 -17.08 5.79 0.22
C ARG B 52 -17.30 7.04 -0.59
N GLY B 53 -16.81 8.16 -0.10
CA GLY B 53 -16.95 9.42 -0.81
C GLY B 53 -16.35 9.36 -2.20
N LYS B 54 -16.63 10.38 -3.00
CA LYS B 54 -16.15 10.47 -4.36
C LYS B 54 -14.95 11.42 -4.48
N ILE B 55 -14.10 11.16 -5.47
CA ILE B 55 -13.03 12.09 -5.81
C ILE B 55 -13.43 12.78 -7.11
N TYR B 56 -13.48 14.12 -7.09
CA TYR B 56 -13.94 14.93 -8.20
C TYR B 56 -12.79 15.75 -8.73
N ASP B 57 -12.92 16.19 -9.99
CA ASP B 57 -12.02 17.15 -10.59
C ASP B 57 -12.64 18.54 -10.42
N ARG B 58 -11.91 19.59 -10.85
CA ARG B 58 -12.34 20.97 -10.57
C ARG B 58 -13.67 21.30 -11.20
N ASN B 59 -14.08 20.61 -12.27
CA ASN B 59 -15.33 20.86 -12.95
C ASN B 59 -16.44 19.87 -12.56
N GLY B 60 -16.22 19.06 -11.53
CA GLY B 60 -17.26 18.20 -11.02
C GLY B 60 -17.32 16.83 -11.66
N LYS B 61 -16.34 16.47 -12.48
CA LYS B 61 -16.34 15.15 -13.09
C LYS B 61 -15.81 14.13 -12.10
N VAL B 62 -16.44 12.97 -12.11
CA VAL B 62 -16.06 11.92 -11.17
C VAL B 62 -14.75 11.30 -11.62
N LEU B 63 -13.77 11.29 -10.72
CA LEU B 63 -12.53 10.54 -10.90
C LEU B 63 -12.57 9.19 -10.21
N ALA B 64 -13.38 9.04 -9.16
CA ALA B 64 -13.48 7.78 -8.44
C ALA B 64 -14.81 7.76 -7.69
N GLU B 65 -15.44 6.58 -7.63
CA GLU B 65 -16.73 6.46 -6.96
C GLU B 65 -16.96 4.98 -6.62
N ASP B 66 -17.99 4.73 -5.82
CA ASP B 66 -18.43 3.37 -5.54
C ASP B 66 -19.50 2.98 -6.56
N VAL B 67 -19.35 1.81 -7.19
CA VAL B 67 -20.37 1.24 -8.07
C VAL B 67 -20.66 -0.18 -7.62
N GLU B 68 -21.78 -0.71 -8.11
CA GLU B 68 -22.17 -2.09 -7.85
C GLU B 68 -21.87 -2.94 -9.08
N ARG B 69 -21.09 -3.99 -8.87
CA ARG B 69 -20.77 -5.03 -9.84
C ARG B 69 -21.28 -6.35 -9.27
N TYR B 70 -20.97 -7.47 -9.94
CA TYR B 70 -21.58 -8.73 -9.59
C TYR B 70 -20.59 -9.88 -9.73
N LYS B 71 -20.70 -10.86 -8.83
CA LYS B 71 -19.86 -12.04 -8.83
C LYS B 71 -20.73 -13.27 -9.08
N LEU B 72 -20.25 -14.13 -9.99
CA LEU B 72 -21.02 -15.29 -10.43
C LEU B 72 -20.81 -16.47 -9.48
N VAL B 73 -21.91 -17.07 -9.03
CA VAL B 73 -21.89 -18.16 -8.07
C VAL B 73 -22.73 -19.32 -8.62
N ALA B 74 -22.18 -20.53 -8.49
CA ALA B 74 -22.76 -21.77 -9.05
C ALA B 74 -22.88 -22.83 -7.96
N VAL B 75 -24.11 -23.20 -7.59
CA VAL B 75 -24.32 -24.34 -6.70
C VAL B 75 -24.22 -25.63 -7.51
N ILE B 76 -23.34 -26.53 -7.08
CA ILE B 76 -23.05 -27.75 -7.83
C ILE B 76 -23.40 -29.01 -7.06
N ASP B 77 -23.81 -28.91 -5.81
CA ASP B 77 -24.12 -30.09 -5.01
C ASP B 77 -25.59 -30.45 -5.17
N LYS B 78 -25.85 -31.75 -5.42
CA LYS B 78 -27.19 -32.24 -5.68
C LYS B 78 -28.13 -32.05 -4.48
N LYS B 79 -27.57 -32.00 -3.27
CA LYS B 79 -28.38 -31.89 -2.06
C LYS B 79 -29.22 -30.60 -2.05
N ALA B 80 -28.82 -29.58 -2.81
CA ALA B 80 -29.56 -28.32 -2.82
C ALA B 80 -30.96 -28.47 -3.43
N SER B 81 -31.14 -29.44 -4.32
CA SER B 81 -32.40 -29.61 -5.02
C SER B 81 -33.28 -30.71 -4.44
N ALA B 82 -32.91 -31.27 -3.29
CA ALA B 82 -33.63 -32.40 -2.74
C ALA B 82 -35.08 -32.03 -2.40
N ASN B 83 -35.28 -30.88 -1.77
CA ASN B 83 -36.61 -30.49 -1.32
C ASN B 83 -37.45 -29.81 -2.41
N SER B 84 -36.83 -29.35 -3.49
CA SER B 84 -37.48 -28.44 -4.44
C SER B 84 -38.02 -29.14 -5.68
N LYS B 85 -38.97 -28.47 -6.33
CA LYS B 85 -39.60 -29.01 -7.54
C LYS B 85 -38.74 -28.73 -8.77
N LYS B 86 -38.23 -27.51 -8.93
CA LYS B 86 -37.29 -27.14 -9.98
C LYS B 86 -35.87 -27.16 -9.44
N PRO B 87 -34.93 -27.73 -10.19
CA PRO B 87 -33.59 -27.99 -9.62
C PRO B 87 -32.85 -26.72 -9.24
N ARG B 88 -32.25 -26.73 -8.05
CA ARG B 88 -31.53 -25.58 -7.54
C ARG B 88 -30.01 -25.68 -7.75
N HIS B 89 -29.53 -26.67 -8.51
CA HIS B 89 -28.10 -26.83 -8.78
C HIS B 89 -27.85 -27.12 -10.27
N VAL B 90 -26.58 -27.15 -10.65
CA VAL B 90 -26.18 -27.35 -12.04
C VAL B 90 -26.31 -28.82 -12.38
N VAL B 91 -27.28 -29.16 -13.24
CA VAL B 91 -27.48 -30.55 -13.67
C VAL B 91 -26.58 -30.90 -14.84
N ASP B 92 -26.50 -30.01 -15.83
CA ASP B 92 -25.73 -30.20 -17.05
C ASP B 92 -24.48 -29.32 -17.02
N LYS B 93 -23.34 -29.90 -16.59
CA LYS B 93 -22.12 -29.11 -16.49
C LYS B 93 -21.65 -28.66 -17.88
N LYS B 94 -21.77 -29.53 -18.89
CA LYS B 94 -21.30 -29.20 -20.23
C LYS B 94 -22.08 -28.04 -20.83
N GLU B 95 -23.42 -28.10 -20.80
CA GLU B 95 -24.22 -27.01 -21.36
C GLU B 95 -24.06 -25.73 -20.54
N THR B 96 -24.07 -25.83 -19.21
CA THR B 96 -23.86 -24.66 -18.36
C THR B 96 -22.53 -24.00 -18.67
N ALA B 97 -21.45 -24.80 -18.75
CA ALA B 97 -20.14 -24.25 -19.06
C ALA B 97 -20.11 -23.65 -20.48
N LYS B 98 -20.70 -24.35 -21.45
CA LYS B 98 -20.75 -23.82 -22.81
C LYS B 98 -21.47 -22.47 -22.81
N LYS B 99 -22.62 -22.40 -22.16
CA LYS B 99 -23.39 -21.16 -22.15
C LYS B 99 -22.74 -20.08 -21.28
N LEU B 100 -22.06 -20.44 -20.19
CA LEU B 100 -21.44 -19.42 -19.36
C LEU B 100 -20.26 -18.74 -20.06
N SER B 101 -19.58 -19.46 -20.98
CA SER B 101 -18.42 -18.91 -21.69
C SER B 101 -18.80 -17.83 -22.70
N THR B 102 -20.10 -17.60 -22.91
CA THR B 102 -20.56 -16.49 -23.75
C THR B 102 -20.57 -15.15 -23.02
N VAL B 103 -20.40 -15.15 -21.70
CA VAL B 103 -20.34 -13.91 -20.92
C VAL B 103 -18.98 -13.73 -20.27
N ILE B 104 -18.50 -14.75 -19.57
CA ILE B 104 -17.21 -14.65 -18.87
C ILE B 104 -16.09 -15.10 -19.80
N ASP B 105 -14.90 -14.55 -19.56
CA ASP B 105 -13.71 -14.82 -20.35
C ASP B 105 -13.04 -16.11 -19.86
N MET B 106 -13.75 -17.22 -20.09
CA MET B 106 -13.28 -18.53 -19.69
C MET B 106 -13.67 -19.55 -20.75
N LYS B 107 -12.76 -20.50 -21.01
CA LYS B 107 -13.05 -21.55 -22.00
C LYS B 107 -13.89 -22.66 -21.36
N PRO B 108 -14.85 -23.22 -22.10
CA PRO B 108 -15.81 -24.16 -21.50
C PRO B 108 -15.17 -25.34 -20.78
N GLU B 109 -14.00 -25.80 -21.22
CA GLU B 109 -13.31 -26.88 -20.52
C GLU B 109 -12.87 -26.45 -19.12
N GLU B 110 -12.55 -25.16 -18.96
CA GLU B 110 -12.14 -24.65 -17.67
C GLU B 110 -13.32 -24.49 -16.72
N ILE B 111 -14.42 -23.91 -17.21
CA ILE B 111 -15.64 -23.81 -16.41
C ILE B 111 -16.07 -25.21 -15.95
N GLU B 112 -16.07 -26.17 -16.88
CA GLU B 112 -16.38 -27.56 -16.54
C GLU B 112 -15.41 -28.11 -15.51
N LYS B 113 -14.12 -27.81 -15.65
CA LYS B 113 -13.14 -28.26 -14.67
C LYS B 113 -13.47 -27.71 -13.28
N ARG B 114 -13.72 -26.40 -13.17
CA ARG B 114 -14.11 -25.83 -11.89
C ARG B 114 -15.45 -26.37 -11.43
N LEU B 115 -16.37 -26.59 -12.38
CA LEU B 115 -17.69 -27.13 -12.04
C LEU B 115 -17.66 -28.57 -11.56
N SER B 116 -16.50 -29.22 -11.59
CA SER B 116 -16.41 -30.63 -11.25
C SER B 116 -15.60 -30.85 -9.99
N GLN B 117 -15.50 -29.84 -9.14
CA GLN B 117 -14.75 -29.99 -7.91
C GLN B 117 -15.59 -30.69 -6.85
N LYS B 118 -14.92 -31.50 -6.03
CA LYS B 118 -15.55 -32.37 -5.07
C LYS B 118 -15.60 -31.74 -3.67
N LYS B 119 -16.45 -32.34 -2.81
CA LYS B 119 -16.67 -31.96 -1.42
C LYS B 119 -17.02 -30.47 -1.26
N ALA B 120 -17.54 -29.85 -2.32
CA ALA B 120 -17.89 -28.44 -2.37
C ALA B 120 -19.37 -28.25 -2.65
N PHE B 121 -19.98 -27.27 -1.96
CA PHE B 121 -21.38 -26.90 -2.22
C PHE B 121 -21.48 -25.92 -3.38
N GLN B 122 -20.69 -24.85 -3.32
CA GLN B 122 -20.67 -23.79 -4.31
C GLN B 122 -19.28 -23.66 -4.89
N ILE B 123 -19.19 -23.05 -6.09
CA ILE B 123 -17.90 -22.69 -6.66
C ILE B 123 -18.00 -21.29 -7.22
N GLU B 124 -16.84 -20.67 -7.35
CA GLU B 124 -16.66 -19.40 -8.03
C GLU B 124 -15.68 -19.62 -9.17
N PHE B 125 -15.39 -18.56 -9.91
CA PHE B 125 -14.65 -18.72 -11.15
C PHE B 125 -13.46 -17.76 -11.21
N GLY B 126 -12.92 -17.41 -10.04
CA GLY B 126 -11.70 -16.62 -10.01
C GLY B 126 -11.92 -15.20 -10.49
N ARG B 127 -10.81 -14.60 -10.94
CA ARG B 127 -10.80 -13.21 -11.38
C ARG B 127 -11.88 -12.92 -12.43
N LYS B 128 -12.15 -13.88 -13.31
CA LYS B 128 -13.14 -13.70 -14.35
C LYS B 128 -14.57 -13.90 -13.87
N GLY B 129 -14.77 -14.43 -12.64
CA GLY B 129 -16.11 -14.52 -12.09
C GLY B 129 -16.63 -13.24 -11.47
N THR B 130 -15.78 -12.25 -11.23
CA THR B 130 -16.23 -11.07 -10.50
C THR B 130 -16.03 -9.81 -11.35
N ASN B 131 -16.35 -8.68 -10.73
CA ASN B 131 -16.36 -7.38 -11.40
C ASN B 131 -17.17 -7.45 -12.68
N LEU B 132 -18.27 -8.19 -12.65
CA LEU B 132 -19.11 -8.32 -13.81
C LEU B 132 -20.09 -7.15 -13.85
N THR B 133 -20.49 -6.76 -15.06
CA THR B 133 -21.34 -5.59 -15.22
C THR B 133 -22.80 -5.94 -14.98
N TYR B 134 -23.62 -4.90 -14.80
CA TYR B 134 -25.06 -5.14 -14.72
C TYR B 134 -25.59 -5.80 -15.99
N GLN B 135 -25.04 -5.40 -17.15
CA GLN B 135 -25.42 -6.06 -18.40
C GLN B 135 -25.09 -7.55 -18.36
N ASP B 136 -23.86 -7.89 -17.94
CA ASP B 136 -23.45 -9.29 -17.81
C ASP B 136 -24.41 -10.07 -16.93
N LYS B 137 -24.88 -9.43 -15.84
CA LYS B 137 -25.86 -10.07 -14.98
C LYS B 137 -27.09 -10.49 -15.77
N LEU B 138 -27.67 -9.55 -16.53
CA LEU B 138 -28.89 -9.84 -17.27
C LEU B 138 -28.68 -10.91 -18.31
N LYS B 139 -27.54 -10.89 -19.01
CA LYS B 139 -27.26 -11.94 -19.98
C LYS B 139 -27.35 -13.29 -19.30
N ILE B 140 -26.67 -13.45 -18.16
CA ILE B 140 -26.61 -14.74 -17.50
C ILE B 140 -27.99 -15.15 -16.97
N GLU B 141 -28.76 -14.19 -16.43
CA GLU B 141 -30.05 -14.56 -15.86
C GLU B 141 -31.06 -15.02 -16.92
N LYS B 142 -31.04 -14.42 -18.13
CA LYS B 142 -31.89 -14.89 -19.21
C LYS B 142 -31.61 -16.33 -19.55
N MET B 143 -30.36 -16.76 -19.35
CA MET B 143 -29.98 -18.13 -19.64
C MET B 143 -30.75 -19.15 -18.80
N ASN B 144 -31.36 -18.71 -17.70
CA ASN B 144 -32.11 -19.56 -16.75
C ASN B 144 -31.37 -20.88 -16.45
N LEU B 145 -30.08 -20.76 -16.18
CA LEU B 145 -29.26 -21.93 -15.81
C LEU B 145 -29.52 -22.31 -14.36
N PRO B 146 -29.74 -23.59 -14.07
CA PRO B 146 -30.04 -23.99 -12.69
C PRO B 146 -28.76 -23.94 -11.87
N GLY B 147 -28.88 -23.44 -10.64
CA GLY B 147 -27.75 -23.29 -9.75
C GLY B 147 -26.90 -22.07 -9.98
N ILE B 148 -27.21 -21.25 -10.99
CA ILE B 148 -26.40 -20.10 -11.36
C ILE B 148 -27.06 -18.84 -10.83
N SER B 149 -26.29 -18.02 -10.11
CA SER B 149 -26.79 -16.79 -9.53
C SER B 149 -25.68 -15.74 -9.60
N LEU B 150 -26.09 -14.50 -9.41
CA LEU B 150 -25.11 -13.39 -9.37
C LEU B 150 -25.28 -12.66 -8.04
N LEU B 151 -24.18 -12.37 -7.37
CA LEU B 151 -24.18 -11.76 -6.06
C LEU B 151 -23.65 -10.35 -6.16
N PRO B 152 -24.41 -9.37 -5.68
CA PRO B 152 -23.94 -7.97 -5.79
C PRO B 152 -22.69 -7.76 -4.95
N GLU B 153 -21.77 -6.96 -5.49
CA GLU B 153 -20.57 -6.59 -4.75
C GLU B 153 -20.23 -5.15 -5.08
N THR B 154 -19.80 -4.40 -4.07
CA THR B 154 -19.36 -3.03 -4.27
C THR B 154 -17.94 -3.02 -4.83
N GLU B 155 -17.70 -2.23 -5.88
CA GLU B 155 -16.34 -2.04 -6.35
C GLU B 155 -16.04 -0.55 -6.40
N ARG B 156 -14.74 -0.23 -6.38
CA ARG B 156 -14.30 1.15 -6.51
C ARG B 156 -13.99 1.39 -7.98
N PHE B 157 -14.67 2.35 -8.59
CA PHE B 157 -14.63 2.57 -10.04
C PHE B 157 -13.89 3.86 -10.35
N TYR B 158 -12.93 3.78 -11.26
CA TYR B 158 -12.17 4.93 -11.73
C TYR B 158 -12.56 5.15 -13.18
N PRO B 159 -13.48 6.07 -13.46
CA PRO B 159 -14.05 6.16 -14.83
C PRO B 159 -13.03 6.46 -15.91
N ASN B 160 -11.91 7.10 -15.60
CA ASN B 160 -10.95 7.46 -16.64
C ASN B 160 -9.79 6.48 -16.74
N GLY B 161 -9.86 5.34 -16.03
CA GLY B 161 -8.80 4.34 -16.06
C GLY B 161 -7.46 4.89 -15.60
N ASN B 162 -6.44 4.70 -16.42
CA ASN B 162 -5.10 5.23 -16.17
C ASN B 162 -5.08 6.74 -16.42
N PHE B 163 -5.31 7.52 -15.37
CA PHE B 163 -5.59 8.96 -15.47
C PHE B 163 -5.14 9.59 -14.16
N ALA B 164 -4.07 10.41 -14.21
CA ALA B 164 -3.54 11.06 -13.02
C ALA B 164 -3.41 10.06 -11.87
N SER B 165 -2.87 8.87 -12.18
CA SER B 165 -2.99 7.71 -11.29
C SER B 165 -2.18 7.90 -10.02
N HIS B 166 -0.92 8.34 -10.15
CA HIS B 166 -0.08 8.58 -9.00
C HIS B 166 -0.54 9.78 -8.17
N LEU B 167 -1.56 10.51 -8.62
CA LEU B 167 -2.19 11.49 -7.72
C LEU B 167 -3.44 10.94 -7.05
N ILE B 168 -4.38 10.39 -7.81
CA ILE B 168 -5.66 9.96 -7.23
C ILE B 168 -5.45 8.77 -6.28
N GLY B 169 -4.66 7.79 -6.70
CA GLY B 169 -4.36 6.65 -5.87
C GLY B 169 -5.27 5.48 -6.19
N ARG B 170 -5.37 4.58 -5.21
CA ARG B 170 -6.18 3.38 -5.36
C ARG B 170 -6.69 2.94 -3.99
N ALA B 171 -7.95 2.57 -3.94
CA ALA B 171 -8.57 2.00 -2.74
C ALA B 171 -8.64 0.49 -2.91
N GLN B 172 -8.25 -0.24 -1.89
CA GLN B 172 -8.27 -1.70 -1.94
C GLN B 172 -9.41 -2.22 -1.09
N LYS B 173 -9.93 -3.38 -1.46
CA LYS B 173 -11.13 -3.92 -0.83
C LYS B 173 -10.78 -5.11 0.05
N ASN B 174 -11.39 -5.15 1.22
CA ASN B 174 -11.30 -6.32 2.07
C ASN B 174 -12.50 -7.20 1.73
N PRO B 175 -12.29 -8.33 1.04
CA PRO B 175 -13.44 -9.14 0.61
C PRO B 175 -14.37 -9.56 1.74
N ASP B 176 -13.85 -9.74 2.95
CA ASP B 176 -14.70 -10.21 4.04
C ASP B 176 -15.82 -9.23 4.34
N THR B 177 -15.51 -7.94 4.36
CA THR B 177 -16.49 -6.95 4.76
C THR B 177 -16.84 -5.97 3.68
N GLY B 178 -16.19 -6.00 2.51
CA GLY B 178 -16.37 -4.97 1.50
C GLY B 178 -15.76 -3.62 1.83
N GLU B 179 -15.08 -3.50 2.96
CA GLU B 179 -14.53 -2.22 3.37
C GLU B 179 -13.39 -1.80 2.44
N LEU B 180 -13.47 -0.58 1.94
CA LEU B 180 -12.44 -0.04 1.04
C LEU B 180 -11.47 0.80 1.86
N LYS B 181 -10.17 0.70 1.52
CA LYS B 181 -9.12 1.43 2.23
C LYS B 181 -8.10 1.92 1.21
N GLY B 182 -7.93 3.24 1.14
CA GLY B 182 -6.99 3.81 0.20
C GLY B 182 -5.57 3.35 0.48
N ALA B 183 -4.85 3.00 -0.59
CA ALA B 183 -3.47 2.53 -0.47
C ALA B 183 -2.46 3.49 -1.06
N LEU B 184 -2.88 4.49 -1.79
CA LEU B 184 -1.94 5.45 -2.33
C LEU B 184 -2.71 6.72 -2.64
N GLY B 185 -1.97 7.82 -2.82
CA GLY B 185 -2.50 9.08 -3.27
C GLY B 185 -3.63 9.63 -2.41
N VAL B 186 -4.56 10.30 -3.08
CA VAL B 186 -5.66 10.99 -2.42
C VAL B 186 -6.53 9.99 -1.66
N GLU B 187 -6.82 8.83 -2.27
CA GLU B 187 -7.57 7.76 -1.63
C GLU B 187 -6.96 7.40 -0.26
N LYS B 188 -5.62 7.38 -0.19
CA LYS B 188 -4.95 7.12 1.08
C LYS B 188 -4.93 8.35 1.97
N ILE B 189 -4.37 9.47 1.46
CA ILE B 189 -4.23 10.69 2.26
C ILE B 189 -5.55 11.06 2.93
N PHE B 190 -6.67 10.92 2.21
CA PHE B 190 -7.98 11.39 2.67
C PHE B 190 -8.94 10.26 3.02
N ASP B 191 -8.36 9.10 3.36
CA ASP B 191 -9.12 7.88 3.62
C ASP B 191 -10.09 8.05 4.79
N SER B 192 -9.70 8.77 5.84
CA SER B 192 -10.59 8.90 6.98
C SER B 192 -11.80 9.78 6.64
N TYR B 193 -11.62 10.75 5.75
CA TYR B 193 -12.76 11.54 5.29
C TYR B 193 -13.57 10.77 4.25
N LEU B 194 -12.90 10.15 3.28
CA LEU B 194 -13.62 9.46 2.20
C LEU B 194 -14.47 8.33 2.72
N SER B 195 -14.02 7.67 3.76
CA SER B 195 -14.74 6.55 4.33
C SER B 195 -15.85 7.01 5.26
N GLY B 196 -16.90 6.21 5.32
CA GLY B 196 -17.95 6.43 6.28
C GLY B 196 -17.70 5.59 7.52
N LYS B 222 -25.32 7.30 6.71
CA LYS B 222 -23.87 7.40 6.80
C LYS B 222 -23.25 7.30 5.41
N ARG B 223 -22.49 8.33 5.03
CA ARG B 223 -21.79 8.36 3.75
C ARG B 223 -20.55 9.22 3.87
N GLY B 224 -19.45 8.74 3.29
CA GLY B 224 -18.20 9.46 3.40
C GLY B 224 -18.25 10.84 2.74
N ASP B 225 -17.26 11.65 3.08
CA ASP B 225 -17.12 12.96 2.49
C ASP B 225 -16.47 12.86 1.11
N ASP B 226 -16.70 13.86 0.28
CA ASP B 226 -16.09 13.94 -1.04
C ASP B 226 -14.84 14.79 -1.00
N VAL B 227 -13.91 14.49 -1.91
CA VAL B 227 -12.68 15.26 -2.08
C VAL B 227 -12.69 15.76 -3.51
N HIS B 228 -12.60 17.09 -3.67
CA HIS B 228 -12.61 17.78 -4.96
C HIS B 228 -11.21 18.29 -5.24
N LEU B 229 -10.65 17.92 -6.39
CA LEU B 229 -9.30 18.31 -6.76
C LEU B 229 -9.29 19.58 -7.61
N THR B 230 -8.09 20.14 -7.77
CA THR B 230 -7.91 21.26 -8.70
C THR B 230 -7.67 20.79 -10.13
N ILE B 231 -7.36 19.52 -10.34
CA ILE B 231 -7.16 18.96 -11.68
C ILE B 231 -8.30 19.33 -12.63
N ASP B 232 -7.95 19.74 -13.83
CA ASP B 232 -8.88 19.87 -14.93
C ASP B 232 -8.70 18.64 -15.82
N SER B 233 -9.75 17.79 -15.91
CA SER B 233 -9.64 16.58 -16.74
C SER B 233 -9.29 16.89 -18.19
N ASN B 234 -9.75 18.02 -18.73
CA ASN B 234 -9.42 18.36 -20.11
C ASN B 234 -7.93 18.60 -20.28
N ILE B 235 -7.30 19.28 -19.32
CA ILE B 235 -5.87 19.50 -19.46
C ILE B 235 -5.12 18.22 -19.14
N GLN B 236 -5.63 17.41 -18.20
CA GLN B 236 -5.03 16.13 -17.86
C GLN B 236 -4.88 15.23 -19.09
N VAL B 237 -5.90 15.19 -19.94
CA VAL B 237 -5.83 14.40 -21.19
C VAL B 237 -4.62 14.79 -22.02
N PHE B 238 -4.38 16.10 -22.21
CA PHE B 238 -3.20 16.53 -22.96
C PHE B 238 -1.94 15.96 -22.36
N VAL B 239 -1.84 15.96 -21.03
CA VAL B 239 -0.67 15.44 -20.37
C VAL B 239 -0.56 13.93 -20.58
N GLU B 240 -1.63 13.19 -20.27
CA GLU B 240 -1.59 11.74 -20.45
C GLU B 240 -1.13 11.40 -21.86
N GLU B 241 -1.71 12.06 -22.87
CA GLU B 241 -1.37 11.71 -24.24
C GLU B 241 0.09 12.04 -24.52
N ALA B 242 0.57 13.18 -24.02
CA ALA B 242 1.96 13.54 -24.27
C ALA B 242 2.91 12.51 -23.66
N LEU B 243 2.60 12.02 -22.47
CA LEU B 243 3.52 11.11 -21.81
C LEU B 243 3.56 9.77 -22.55
N ASP B 244 2.42 9.29 -23.03
CA ASP B 244 2.43 8.09 -23.86
C ASP B 244 3.38 8.26 -25.03
N GLY B 245 3.36 9.44 -25.67
CA GLY B 245 4.28 9.73 -26.75
C GLY B 245 5.74 9.60 -26.32
N MET B 246 6.09 10.22 -25.18
CA MET B 246 7.46 10.16 -24.67
C MET B 246 7.92 8.72 -24.48
N VAL B 247 7.08 7.89 -23.85
CA VAL B 247 7.48 6.52 -23.57
C VAL B 247 7.79 5.79 -24.87
N GLU B 248 6.85 5.83 -25.81
CA GLU B 248 7.03 5.18 -27.11
C GLU B 248 8.36 5.57 -27.75
N ARG B 249 8.66 6.88 -27.78
CA ARG B 249 9.82 7.41 -28.48
C ARG B 249 11.13 7.15 -27.72
N TYR B 250 11.10 7.26 -26.39
CA TYR B 250 12.32 7.37 -25.60
C TYR B 250 12.48 6.26 -24.58
N GLN B 251 11.42 5.54 -24.23
CA GLN B 251 11.39 4.50 -23.21
C GLN B 251 12.23 4.91 -21.99
N PRO B 252 11.90 6.01 -21.33
CA PRO B 252 12.72 6.47 -20.21
C PRO B 252 12.44 5.67 -18.96
N LYS B 253 13.41 5.70 -18.06
CA LYS B 253 13.25 5.01 -16.79
C LYS B 253 12.27 5.74 -15.88
N ASP B 254 12.13 7.05 -16.04
CA ASP B 254 11.20 7.85 -15.25
C ASP B 254 10.81 9.09 -16.05
N LEU B 255 9.60 9.60 -15.80
CA LEU B 255 9.07 10.70 -16.60
C LEU B 255 7.90 11.34 -15.86
N PHE B 256 7.82 12.66 -15.92
CA PHE B 256 6.69 13.36 -15.32
C PHE B 256 6.45 14.68 -16.06
N ALA B 257 5.22 15.16 -15.95
CA ALA B 257 4.82 16.49 -16.42
C ALA B 257 3.77 17.05 -15.47
N VAL B 258 3.83 18.35 -15.25
CA VAL B 258 2.88 19.02 -14.38
C VAL B 258 2.57 20.40 -14.95
N VAL B 259 1.29 20.77 -14.88
CA VAL B 259 0.75 22.05 -15.33
C VAL B 259 0.24 22.80 -14.11
N MET B 260 0.79 23.98 -13.84
CA MET B 260 0.35 24.78 -12.70
C MET B 260 -0.16 26.13 -13.18
N ASP B 261 -1.36 26.52 -12.73
CA ASP B 261 -1.84 27.88 -12.95
C ASP B 261 -0.81 28.86 -12.39
N ALA B 262 -0.32 29.75 -13.27
CA ALA B 262 0.83 30.57 -12.91
C ALA B 262 0.49 31.65 -11.90
N LYS B 263 -0.79 31.93 -11.66
CA LYS B 263 -1.22 32.98 -10.75
C LYS B 263 -1.86 32.47 -9.47
N THR B 264 -2.19 31.18 -9.39
CA THR B 264 -2.81 30.67 -8.17
C THR B 264 -2.10 29.50 -7.51
N GLY B 265 -1.18 28.82 -8.20
CA GLY B 265 -0.56 27.63 -7.65
C GLY B 265 -1.38 26.36 -7.80
N GLU B 266 -2.59 26.43 -8.33
CA GLU B 266 -3.39 25.23 -8.55
C GLU B 266 -2.68 24.29 -9.51
N ILE B 267 -2.71 23.00 -9.17
CA ILE B 267 -2.19 21.97 -10.06
C ILE B 267 -3.32 21.61 -11.01
N LEU B 268 -3.20 22.02 -12.27
CA LEU B 268 -4.25 21.77 -13.25
C LEU B 268 -4.14 20.40 -13.89
N ALA B 269 -2.94 19.80 -13.88
CA ALA B 269 -2.74 18.47 -14.43
C ALA B 269 -1.40 17.93 -13.92
N TYR B 270 -1.35 16.62 -13.70
CA TYR B 270 -0.11 15.96 -13.30
C TYR B 270 -0.19 14.51 -13.71
N SER B 271 0.95 13.94 -14.12
CA SER B 271 1.05 12.50 -14.36
C SER B 271 2.53 12.10 -14.43
N GLN B 272 2.78 10.80 -14.39
CA GLN B 272 4.13 10.26 -14.45
C GLN B 272 4.14 8.91 -15.16
N ARG B 273 5.34 8.48 -15.56
CA ARG B 273 5.57 7.19 -16.17
C ARG B 273 6.89 6.67 -15.63
N PRO B 274 6.97 5.37 -15.31
CA PRO B 274 5.81 4.47 -15.35
C PRO B 274 4.83 4.76 -14.22
N THR B 275 3.59 4.32 -14.42
CA THR B 275 2.54 4.49 -13.43
C THR B 275 1.67 3.24 -13.50
N PHE B 276 0.47 3.32 -12.94
CA PHE B 276 -0.43 2.18 -12.85
C PHE B 276 -1.84 2.60 -13.25
N ASN B 277 -2.72 1.59 -13.34
CA ASN B 277 -4.12 1.77 -13.71
C ASN B 277 -5.00 1.54 -12.49
N PRO B 278 -5.56 2.60 -11.90
CA PRO B 278 -6.37 2.44 -10.67
C PRO B 278 -7.53 1.48 -10.85
N GLU B 279 -8.04 1.33 -12.06
CA GLU B 279 -9.27 0.58 -12.23
C GLU B 279 -9.02 -0.92 -12.21
N THR B 280 -7.92 -1.35 -12.83
CA THR B 280 -7.57 -2.77 -12.93
C THR B 280 -6.52 -3.20 -11.91
N GLY B 281 -5.85 -2.25 -11.28
CA GLY B 281 -4.73 -2.57 -10.42
C GLY B 281 -3.44 -2.82 -11.15
N LYS B 282 -3.47 -2.90 -12.48
CA LYS B 282 -2.26 -3.17 -13.26
C LYS B 282 -1.11 -2.29 -12.82
N ASP B 283 -0.01 -2.94 -12.45
CA ASP B 283 1.29 -2.36 -12.13
C ASP B 283 1.26 -1.59 -10.82
N PHE B 284 0.19 -1.71 -10.04
CA PHE B 284 0.12 -1.02 -8.75
C PHE B 284 1.13 -1.62 -7.79
N GLY B 285 1.92 -0.76 -7.15
CA GLY B 285 2.95 -1.21 -6.24
C GLY B 285 4.33 -1.30 -6.85
N LYS B 286 4.44 -1.27 -8.18
CA LYS B 286 5.74 -1.35 -8.84
C LYS B 286 6.59 -0.12 -8.55
N LYS B 287 5.96 1.04 -8.38
CA LYS B 287 6.69 2.24 -8.00
C LYS B 287 5.80 3.02 -7.05
N TRP B 288 6.14 3.01 -5.76
CA TRP B 288 5.27 3.64 -4.78
C TRP B 288 5.35 5.16 -4.85
N ALA B 289 6.49 5.69 -5.29
CA ALA B 289 6.78 7.11 -5.16
C ALA B 289 6.05 7.96 -6.21
N ASN B 290 5.35 8.99 -5.73
CA ASN B 290 4.78 10.03 -6.59
C ASN B 290 5.88 11.02 -6.99
N ASP B 291 6.11 11.23 -8.30
CA ASP B 291 7.26 12.04 -8.68
C ASP B 291 7.13 13.49 -8.21
N LEU B 292 5.89 14.02 -8.16
CA LEU B 292 5.71 15.44 -7.85
C LEU B 292 6.13 15.78 -6.42
N TYR B 293 5.78 14.93 -5.45
CA TYR B 293 5.98 15.23 -4.04
C TYR B 293 6.99 14.34 -3.32
N GLN B 294 7.29 13.15 -3.83
CA GLN B 294 8.04 12.17 -3.02
C GLN B 294 9.39 11.78 -3.60
N ASN B 295 9.58 11.88 -4.90
CA ASN B 295 10.85 11.58 -5.55
C ASN B 295 11.74 12.83 -5.58
N THR B 296 13.04 12.60 -5.66
CA THR B 296 13.97 13.73 -5.67
C THR B 296 14.91 13.62 -6.86
N TYR B 297 15.31 14.76 -7.39
CA TYR B 297 16.09 14.83 -8.61
C TYR B 297 17.21 15.84 -8.41
N GLU B 298 18.37 15.56 -8.99
CA GLU B 298 19.31 16.63 -9.29
C GLU B 298 18.78 17.39 -10.50
N PRO B 299 18.30 18.62 -10.30
CA PRO B 299 17.47 19.26 -11.33
C PRO B 299 18.21 19.64 -12.59
N GLY B 300 19.53 19.83 -12.51
CA GLY B 300 20.25 20.37 -13.65
C GLY B 300 20.06 21.87 -13.79
N SER B 301 20.25 22.34 -15.01
CA SER B 301 20.38 23.78 -15.27
C SER B 301 19.08 24.56 -15.12
N THR B 302 17.93 23.91 -14.90
CA THR B 302 16.73 24.66 -14.56
C THR B 302 16.90 25.37 -13.22
N PHE B 303 17.80 24.85 -12.37
CA PHE B 303 18.14 25.44 -11.08
C PHE B 303 18.86 26.78 -11.26
N LYS B 304 19.40 27.06 -12.45
CA LYS B 304 20.20 28.26 -12.63
C LYS B 304 19.39 29.54 -12.42
N SER B 305 18.07 29.48 -12.58
CA SER B 305 17.28 30.70 -12.44
C SER B 305 17.32 31.26 -11.03
N TYR B 306 17.46 30.41 -10.01
CA TYR B 306 17.44 30.95 -8.67
C TYR B 306 18.81 31.52 -8.30
N GLY B 307 19.88 30.87 -8.76
CA GLY B 307 21.19 31.51 -8.69
C GLY B 307 21.20 32.86 -9.40
N LEU B 308 20.56 32.93 -10.58
CA LEU B 308 20.51 34.16 -11.34
C LEU B 308 19.72 35.23 -10.60
N ALA B 309 18.57 34.86 -10.02
CA ALA B 309 17.76 35.81 -9.26
C ALA B 309 18.53 36.36 -8.07
N ALA B 310 19.20 35.48 -7.34
CA ALA B 310 20.09 35.91 -6.26
C ALA B 310 21.14 36.88 -6.80
N ALA B 311 21.89 36.47 -7.83
CA ALA B 311 22.90 37.36 -8.39
C ALA B 311 22.35 38.72 -8.77
N ILE B 312 21.17 38.77 -9.41
CA ILE B 312 20.57 40.04 -9.83
C ILE B 312 20.37 40.95 -8.64
N GLN B 313 19.72 40.44 -7.58
CA GLN B 313 19.33 41.30 -6.47
C GLN B 313 20.54 41.75 -5.67
N GLU B 314 21.57 40.91 -5.57
CA GLU B 314 22.80 41.27 -4.88
C GLU B 314 23.67 42.23 -5.67
N GLY B 315 23.29 42.55 -6.91
CA GLY B 315 24.11 43.43 -7.72
C GLY B 315 25.33 42.80 -8.34
N ALA B 316 25.35 41.48 -8.48
CA ALA B 316 26.46 40.76 -9.11
C ALA B 316 26.21 40.46 -10.59
N PHE B 317 24.96 40.25 -10.99
CA PHE B 317 24.64 40.01 -12.38
C PHE B 317 24.35 41.36 -13.03
N ASP B 318 25.18 41.72 -14.01
CA ASP B 318 24.93 42.80 -14.96
C ASP B 318 24.84 42.14 -16.33
N PRO B 319 23.71 42.23 -17.04
CA PRO B 319 23.55 41.49 -18.30
C PRO B 319 24.62 41.78 -19.34
N ASP B 320 25.24 42.96 -19.29
CA ASP B 320 26.20 43.36 -20.30
C ASP B 320 27.65 43.26 -19.83
N LYS B 321 27.86 43.04 -18.53
CA LYS B 321 29.22 42.94 -18.01
C LYS B 321 29.88 41.70 -18.60
N LYS B 322 31.14 41.81 -18.99
CA LYS B 322 31.80 40.64 -19.54
C LYS B 322 32.33 39.75 -18.40
N TYR B 323 32.57 38.48 -18.73
CA TYR B 323 33.22 37.60 -17.78
C TYR B 323 34.06 36.56 -18.53
N LYS B 324 35.04 36.00 -17.83
CA LYS B 324 35.92 35.01 -18.42
C LYS B 324 35.19 33.67 -18.43
N SER B 325 34.82 33.20 -19.63
CA SER B 325 34.24 31.88 -19.80
C SER B 325 35.34 30.85 -20.05
N GLY B 326 34.95 29.60 -20.19
CA GLY B 326 35.90 28.52 -20.37
C GLY B 326 35.80 27.41 -19.33
N HIS B 327 36.47 27.59 -18.19
CA HIS B 327 36.46 26.57 -17.15
C HIS B 327 36.81 27.24 -15.82
N ARG B 328 36.58 26.49 -14.75
CA ARG B 328 37.09 26.81 -13.43
C ARG B 328 37.62 25.52 -12.83
N ASP B 329 38.73 25.62 -12.11
CA ASP B 329 39.35 24.51 -11.40
C ASP B 329 38.87 24.51 -9.95
N ILE B 330 38.13 23.48 -9.56
CA ILE B 330 37.48 23.40 -8.26
C ILE B 330 38.00 22.15 -7.57
N MET B 331 38.79 22.33 -6.51
CA MET B 331 39.34 21.21 -5.73
C MET B 331 40.03 20.19 -6.63
N GLY B 332 40.81 20.67 -7.61
CA GLY B 332 41.53 19.80 -8.52
C GLY B 332 40.72 19.14 -9.62
N SER B 333 39.45 19.51 -9.78
CA SER B 333 38.57 19.03 -10.83
C SER B 333 38.22 20.15 -11.81
N ARG B 334 38.16 19.81 -13.09
CA ARG B 334 37.82 20.75 -14.17
C ARG B 334 36.32 20.79 -14.39
N ILE B 335 35.72 21.95 -14.18
CA ILE B 335 34.31 22.16 -14.47
C ILE B 335 34.27 23.11 -15.66
N SER B 336 33.79 22.61 -16.79
CA SER B 336 33.89 23.31 -18.04
C SER B 336 32.50 23.72 -18.56
N ASP B 337 32.47 24.79 -19.35
CA ASP B 337 31.29 25.05 -20.15
C ASP B 337 31.10 23.89 -21.13
N TRP B 338 29.88 23.75 -21.63
CA TRP B 338 29.55 22.50 -22.32
C TRP B 338 30.38 22.26 -23.58
N ASN B 339 31.01 23.30 -24.15
CA ASN B 339 31.91 23.17 -25.30
C ASN B 339 33.40 23.07 -24.91
N ARG B 340 33.71 22.86 -23.63
CA ARG B 340 35.08 22.71 -23.10
C ARG B 340 35.89 24.02 -23.15
N VAL B 341 35.85 24.74 -24.28
CA VAL B 341 36.71 25.90 -24.44
C VAL B 341 36.06 27.20 -23.97
N GLY B 342 34.74 27.31 -24.02
CA GLY B 342 34.08 28.56 -23.70
C GLY B 342 33.92 29.43 -24.93
N TRP B 343 33.68 30.71 -24.70
CA TRP B 343 33.54 31.68 -25.77
C TRP B 343 34.40 32.92 -25.54
N GLY B 344 35.44 32.79 -24.70
CA GLY B 344 36.21 33.96 -24.35
C GLY B 344 35.46 34.87 -23.40
N GLU B 345 35.74 36.16 -23.53
CA GLU B 345 35.08 37.18 -22.73
C GLU B 345 33.75 37.53 -23.39
N ILE B 346 32.65 37.12 -22.76
CA ILE B 346 31.32 37.32 -23.31
C ILE B 346 30.44 37.97 -22.26
N PRO B 347 29.38 38.66 -22.69
CA PRO B 347 28.48 39.29 -21.70
C PRO B 347 27.78 38.24 -20.87
N MET B 348 27.45 38.65 -19.64
CA MET B 348 26.83 37.76 -18.69
C MET B 348 25.48 37.27 -19.18
N SER B 349 24.75 38.12 -19.90
CA SER B 349 23.43 37.70 -20.39
C SER B 349 23.56 36.56 -21.37
N LEU B 350 24.53 36.64 -22.28
CA LEU B 350 24.70 35.59 -23.28
C LEU B 350 25.01 34.24 -22.64
N GLY B 351 25.88 34.24 -21.64
CA GLY B 351 26.24 32.99 -20.99
C GLY B 351 25.04 32.25 -20.42
N PHE B 352 24.06 32.99 -19.89
CA PHE B 352 22.86 32.34 -19.40
C PHE B 352 22.05 31.74 -20.54
N THR B 353 22.01 32.44 -21.67
CA THR B 353 21.35 31.95 -22.88
C THR B 353 22.01 30.68 -23.38
N TYR B 354 23.34 30.63 -23.26
CA TYR B 354 24.12 29.44 -23.59
C TYR B 354 24.04 28.36 -22.53
N SER B 355 23.53 28.69 -21.33
CA SER B 355 23.62 27.83 -20.16
C SER B 355 25.08 27.61 -19.79
N SER B 356 25.82 28.71 -19.69
CA SER B 356 27.22 28.65 -19.30
C SER B 356 27.33 28.24 -17.84
N ASN B 357 27.99 27.13 -17.60
CA ASN B 357 28.25 26.69 -16.23
C ASN B 357 29.23 27.63 -15.53
N THR B 358 30.25 28.13 -16.24
CA THR B 358 31.23 29.00 -15.58
C THR B 358 30.60 30.30 -15.11
N LEU B 359 29.63 30.82 -15.86
CA LEU B 359 28.89 31.99 -15.39
C LEU B 359 28.39 31.79 -13.97
N MET B 360 27.67 30.68 -13.73
CA MET B 360 27.04 30.48 -12.44
C MET B 360 28.08 30.30 -11.35
N MET B 361 29.19 29.63 -11.66
CA MET B 361 30.26 29.47 -10.67
C MET B 361 30.85 30.82 -10.33
N HIS B 362 31.06 31.65 -11.36
CA HIS B 362 31.52 33.01 -11.17
C HIS B 362 30.54 33.84 -10.34
N LEU B 363 29.24 33.74 -10.64
CA LEU B 363 28.26 34.50 -9.87
C LEU B 363 28.25 34.07 -8.41
N GLN B 364 28.38 32.77 -8.15
CA GLN B 364 28.46 32.30 -6.78
C GLN B 364 29.63 32.95 -6.06
N ASP B 365 30.82 32.93 -6.67
CA ASP B 365 32.00 33.61 -6.12
C ASP B 365 31.70 35.06 -5.78
N LEU B 366 30.95 35.75 -6.65
CA LEU B 366 30.66 37.15 -6.39
C LEU B 366 29.75 37.29 -5.17
N VAL B 367 28.64 36.57 -5.17
CA VAL B 367 27.66 36.72 -4.09
C VAL B 367 28.27 36.24 -2.78
N GLY B 368 28.92 35.09 -2.81
CA GLY B 368 29.49 34.52 -1.61
C GLY B 368 28.85 33.18 -1.33
N ALA B 369 29.64 32.23 -0.83
CA ALA B 369 29.10 30.91 -0.57
C ALA B 369 28.02 30.98 0.50
N ASP B 370 28.34 31.62 1.62
CA ASP B 370 27.40 31.68 2.73
C ASP B 370 26.08 32.28 2.28
N LYS B 371 26.15 33.41 1.58
CA LYS B 371 24.95 34.08 1.11
C LYS B 371 24.17 33.19 0.14
N MET B 372 24.87 32.49 -0.74
CA MET B 372 24.17 31.68 -1.73
C MET B 372 23.40 30.54 -1.06
N LYS B 373 23.87 30.04 0.08
CA LYS B 373 23.09 29.00 0.76
C LYS B 373 21.77 29.56 1.24
N SER B 374 21.79 30.72 1.91
CA SER B 374 20.57 31.35 2.36
C SER B 374 19.64 31.65 1.20
N TRP B 375 20.20 32.10 0.09
CA TRP B 375 19.40 32.36 -1.10
C TRP B 375 18.62 31.12 -1.51
N TYR B 376 19.30 29.99 -1.67
CA TYR B 376 18.60 28.77 -2.07
C TYR B 376 17.59 28.35 -1.01
N GLU B 377 17.91 28.56 0.28
CA GLU B 377 16.96 28.25 1.33
C GLU B 377 15.74 29.16 1.27
N ARG B 378 15.95 30.45 0.99
CA ARG B 378 14.82 31.35 0.95
C ARG B 378 13.98 31.16 -0.30
N PHE B 379 14.49 30.42 -1.29
CA PHE B 379 13.65 29.97 -2.39
C PHE B 379 12.90 28.67 -2.08
N GLY B 380 12.91 28.22 -0.84
CA GLY B 380 12.14 27.06 -0.45
C GLY B 380 12.85 25.72 -0.54
N PHE B 381 14.11 25.69 -0.98
CA PHE B 381 14.75 24.39 -1.18
C PHE B 381 15.32 23.81 0.11
N GLY B 382 15.49 22.50 0.11
CA GLY B 382 15.97 21.80 1.26
C GLY B 382 14.92 21.57 2.32
N LYS B 383 13.72 22.12 2.17
CA LYS B 383 12.63 21.87 3.09
C LYS B 383 11.36 21.57 2.32
N SER B 384 10.51 20.72 2.91
CA SER B 384 9.20 20.42 2.36
C SER B 384 8.39 21.69 2.14
N THR B 385 7.55 21.70 1.08
CA THR B 385 6.62 22.81 0.84
C THR B 385 5.38 22.71 1.68
N LYS B 386 5.24 21.63 2.47
CA LYS B 386 4.11 21.40 3.39
C LYS B 386 2.79 21.21 2.67
N GLY B 387 2.82 20.60 1.49
CA GLY B 387 1.60 20.31 0.76
C GLY B 387 0.83 19.24 1.49
N MET B 388 -0.25 18.78 0.86
CA MET B 388 -1.09 17.77 1.48
C MET B 388 -0.84 16.35 0.98
N PHE B 389 0.34 16.06 0.42
CA PHE B 389 0.69 14.70 0.08
C PHE B 389 1.41 14.06 1.23
N ASP B 390 1.31 12.73 1.35
CA ASP B 390 2.04 12.02 2.39
C ASP B 390 3.52 11.90 2.02
N GLY B 391 4.36 11.89 3.05
CA GLY B 391 5.78 11.66 2.87
C GLY B 391 6.47 12.59 1.88
N GLU B 392 6.20 13.88 1.99
CA GLU B 392 6.78 14.83 1.06
C GLU B 392 8.29 14.91 1.28
N ALA B 393 9.06 14.76 0.23
CA ALA B 393 10.50 14.75 0.45
C ALA B 393 11.00 16.18 0.63
N PRO B 394 12.01 16.38 1.45
CA PRO B 394 12.50 17.76 1.66
C PRO B 394 13.60 18.15 0.70
N GLY B 395 14.24 17.15 0.03
CA GLY B 395 15.42 17.44 -0.73
C GLY B 395 16.56 17.78 0.21
N GLN B 396 17.66 18.26 -0.38
CA GLN B 396 18.77 18.79 0.41
C GLN B 396 19.66 19.67 -0.46
N ILE B 397 20.19 20.74 0.13
CA ILE B 397 21.09 21.65 -0.55
C ILE B 397 22.52 21.16 -0.32
N GLY B 398 23.18 20.71 -1.38
CA GLY B 398 24.54 20.18 -1.29
C GLY B 398 25.56 21.28 -1.11
N TRP B 399 26.02 21.47 0.13
CA TRP B 399 26.86 22.60 0.49
C TRP B 399 28.06 22.17 1.34
N SER B 400 28.43 20.89 1.33
CA SER B 400 29.44 20.39 2.27
C SER B 400 30.85 20.88 1.95
N ASN B 401 31.13 21.17 0.69
CA ASN B 401 32.47 21.60 0.29
C ASN B 401 32.34 22.40 -1.00
N GLU B 402 33.47 22.99 -1.42
CA GLU B 402 33.43 23.88 -2.56
C GLU B 402 32.90 23.17 -3.80
N LEU B 403 33.32 21.93 -4.00
CA LEU B 403 32.85 21.18 -5.17
C LEU B 403 31.34 21.03 -5.15
N GLN B 404 30.77 20.66 -4.00
CA GLN B 404 29.33 20.55 -3.90
C GLN B 404 28.66 21.90 -4.14
N GLN B 405 29.20 22.96 -3.52
CA GLN B 405 28.64 24.31 -3.67
C GLN B 405 28.71 24.77 -5.13
N LYS B 406 29.85 24.58 -5.77
CA LYS B 406 29.99 25.05 -7.15
C LYS B 406 29.09 24.27 -8.09
N THR B 407 28.99 22.94 -7.89
CA THR B 407 28.10 22.15 -8.75
C THR B 407 26.63 22.44 -8.45
N SER B 408 26.30 22.83 -7.22
CA SER B 408 24.92 23.18 -6.92
C SER B 408 24.48 24.40 -7.73
N SER B 409 25.43 25.25 -8.11
CA SER B 409 25.07 26.46 -8.83
C SER B 409 24.42 26.13 -10.17
N PHE B 410 24.79 25.00 -10.79
CA PHE B 410 24.09 24.56 -12.00
C PHE B 410 23.28 23.30 -11.75
N GLY B 411 22.84 23.09 -10.52
CA GLY B 411 21.81 22.08 -10.30
C GLY B 411 22.27 20.64 -10.16
N GLN B 412 23.54 20.38 -9.84
CA GLN B 412 23.95 19.04 -9.44
C GLN B 412 24.22 19.01 -7.94
N SER B 413 24.36 17.80 -7.39
CA SER B 413 24.52 17.56 -5.95
C SER B 413 23.30 17.92 -5.11
N THR B 414 22.91 19.19 -5.10
CA THR B 414 21.63 19.56 -4.50
C THR B 414 20.50 18.77 -5.18
N THR B 415 19.59 18.24 -4.37
CA THR B 415 18.44 17.48 -4.86
C THR B 415 17.14 18.22 -4.55
N VAL B 416 16.14 18.07 -5.43
CA VAL B 416 14.89 18.82 -5.31
C VAL B 416 13.68 17.93 -5.66
N THR B 417 12.55 18.35 -5.20
CA THR B 417 11.30 17.80 -5.70
C THR B 417 10.78 18.70 -6.80
N PRO B 418 10.02 18.13 -7.73
CA PRO B 418 9.36 18.99 -8.74
C PRO B 418 8.46 20.06 -8.13
N VAL B 419 7.83 19.76 -6.98
CA VAL B 419 6.93 20.75 -6.38
C VAL B 419 7.71 21.95 -5.88
N GLN B 420 8.92 21.72 -5.34
CA GLN B 420 9.80 22.81 -4.95
C GLN B 420 10.13 23.68 -6.15
N MET B 421 10.41 23.05 -7.30
CA MET B 421 10.73 23.83 -8.49
C MET B 421 9.56 24.71 -8.91
N LEU B 422 8.33 24.15 -8.91
CA LEU B 422 7.16 24.95 -9.24
C LEU B 422 6.99 26.13 -8.29
N GLN B 423 7.26 25.89 -7.00
CA GLN B 423 7.09 26.95 -6.01
C GLN B 423 8.07 28.09 -6.26
N ALA B 424 9.34 27.76 -6.46
CA ALA B 424 10.35 28.78 -6.69
C ALA B 424 10.10 29.52 -8.00
N GLN B 425 9.81 28.78 -9.06
CA GLN B 425 9.63 29.41 -10.36
C GLN B 425 8.52 30.43 -10.32
N SER B 426 7.49 30.17 -9.51
CA SER B 426 6.34 31.07 -9.49
C SER B 426 6.72 32.45 -9.00
N ALA B 427 7.84 32.59 -8.28
CA ALA B 427 8.21 33.92 -7.81
C ALA B 427 8.38 34.87 -8.98
N PHE B 428 8.87 34.39 -10.13
CA PHE B 428 9.18 35.32 -11.20
C PHE B 428 7.93 35.90 -11.86
N PHE B 429 6.74 35.36 -11.59
CA PHE B 429 5.51 35.82 -12.20
C PHE B 429 4.49 36.33 -11.20
N ASN B 430 4.92 36.58 -9.96
CA ASN B 430 4.05 37.13 -8.93
C ASN B 430 4.83 38.16 -8.11
N ASP B 431 5.55 39.04 -8.81
CA ASP B 431 6.32 40.13 -8.21
C ASP B 431 7.32 39.61 -7.16
N GLY B 432 7.78 38.38 -7.33
CA GLY B 432 8.72 37.80 -6.39
C GLY B 432 8.11 36.93 -5.33
N ASN B 433 6.78 36.89 -5.20
CA ASN B 433 6.12 36.05 -4.21
C ASN B 433 6.04 34.60 -4.68
N MET B 434 6.61 33.68 -3.93
CA MET B 434 6.42 32.27 -4.23
C MET B 434 5.03 31.84 -3.83
N LEU B 435 4.35 31.10 -4.73
CA LEU B 435 3.06 30.50 -4.44
C LEU B 435 3.22 29.05 -3.99
N LYS B 436 2.57 28.72 -2.89
CA LYS B 436 2.51 27.32 -2.48
C LYS B 436 1.63 26.56 -3.45
N PRO B 437 2.14 25.57 -4.17
CA PRO B 437 1.27 24.83 -5.08
C PRO B 437 0.27 24.03 -4.28
N TRP B 438 -0.89 23.77 -4.89
CA TRP B 438 -1.97 23.05 -4.21
C TRP B 438 -2.85 22.38 -5.23
N PHE B 439 -3.37 21.22 -4.83
CA PHE B 439 -4.17 20.37 -5.68
C PHE B 439 -5.48 19.91 -5.04
N VAL B 440 -5.71 20.19 -3.75
CA VAL B 440 -6.96 19.85 -3.06
C VAL B 440 -7.83 21.11 -2.97
N ASN B 441 -8.99 21.08 -3.63
CA ASN B 441 -9.89 22.22 -3.61
C ASN B 441 -10.88 22.19 -2.45
N SER B 442 -11.38 21.01 -2.09
CA SER B 442 -12.46 20.92 -1.10
C SER B 442 -12.55 19.49 -0.58
N VAL B 443 -12.74 19.36 0.74
CA VAL B 443 -13.24 18.14 1.34
C VAL B 443 -14.54 18.54 2.01
N GLU B 444 -15.62 17.88 1.64
CA GLU B 444 -16.96 18.26 2.09
C GLU B 444 -17.91 17.07 1.95
N ASN B 445 -18.98 17.10 2.73
CA ASN B 445 -19.91 15.99 2.76
C ASN B 445 -21.19 16.34 2.02
N PRO B 446 -21.62 15.52 1.06
CA PRO B 446 -22.74 15.94 0.21
C PRO B 446 -24.12 15.79 0.85
N VAL B 447 -24.25 15.04 1.95
CA VAL B 447 -25.53 14.89 2.64
C VAL B 447 -25.74 16.00 3.66
N SER B 448 -24.74 16.26 4.48
CA SER B 448 -24.83 17.27 5.53
C SER B 448 -24.46 18.67 5.05
N LYS B 449 -23.74 18.77 3.93
CA LYS B 449 -23.24 20.00 3.36
C LYS B 449 -22.11 20.58 4.19
N ARG B 450 -21.57 19.81 5.15
CA ARG B 450 -20.44 20.28 5.94
C ARG B 450 -19.19 20.35 5.06
N GLN B 451 -18.50 21.47 5.09
CA GLN B 451 -17.23 21.62 4.40
C GLN B 451 -16.11 21.55 5.42
N PHE B 452 -15.27 20.52 5.32
CA PHE B 452 -14.17 20.33 6.27
C PHE B 452 -12.94 21.11 5.90
N TYR B 453 -12.74 21.40 4.62
CA TYR B 453 -11.49 22.00 4.17
C TYR B 453 -11.71 22.69 2.82
N LYS B 454 -11.02 23.81 2.62
CA LYS B 454 -11.07 24.51 1.34
C LYS B 454 -9.70 25.07 0.99
N GLY B 455 -9.21 24.72 -0.20
CA GLY B 455 -7.91 25.19 -0.63
C GLY B 455 -7.94 26.63 -1.09
N GLN B 456 -6.76 27.26 -1.13
CA GLN B 456 -6.66 28.66 -1.49
C GLN B 456 -5.24 29.02 -1.89
N LYS B 457 -5.15 30.13 -2.62
CA LYS B 457 -3.86 30.73 -2.94
C LYS B 457 -3.13 31.07 -1.66
N GLN B 458 -1.84 30.79 -1.62
CA GLN B 458 -1.06 31.10 -0.44
C GLN B 458 0.36 31.41 -0.81
N ILE B 459 0.89 32.48 -0.24
CA ILE B 459 2.25 32.91 -0.57
C ILE B 459 3.21 32.12 0.33
N ALA B 460 4.04 31.28 -0.29
CA ALA B 460 5.05 30.52 0.46
C ALA B 460 6.16 31.42 0.97
N GLY B 461 6.36 32.58 0.37
CA GLY B 461 7.42 33.49 0.75
C GLY B 461 7.77 34.42 -0.39
N LYS B 462 8.30 35.60 -0.08
CA LYS B 462 8.72 36.58 -1.08
C LYS B 462 10.23 36.74 -1.05
N PRO B 463 10.99 35.88 -1.73
CA PRO B 463 12.45 35.94 -1.61
C PRO B 463 13.11 37.04 -2.42
N ILE B 464 12.48 37.54 -3.49
CA ILE B 464 13.08 38.57 -4.35
C ILE B 464 12.10 39.71 -4.52
N THR B 465 12.62 40.80 -5.06
CA THR B 465 11.78 41.96 -5.34
C THR B 465 11.14 41.80 -6.70
N LYS B 466 10.08 42.58 -6.92
CA LYS B 466 9.43 42.65 -8.23
C LYS B 466 10.44 42.97 -9.34
N ASP B 467 11.35 43.93 -9.10
CA ASP B 467 12.37 44.28 -10.09
C ASP B 467 13.27 43.10 -10.41
N THR B 468 13.69 42.33 -9.40
CA THR B 468 14.52 41.16 -9.68
C THR B 468 13.75 40.16 -10.53
N ALA B 469 12.46 39.97 -10.25
CA ALA B 469 11.65 39.02 -10.99
C ALA B 469 11.65 39.35 -12.47
N GLU B 470 11.32 40.60 -12.80
CA GLU B 470 11.28 41.05 -14.19
C GLU B 470 12.61 40.85 -14.88
N LYS B 471 13.71 41.11 -14.16
CA LYS B 471 15.03 40.92 -14.76
C LYS B 471 15.35 39.44 -14.97
N VAL B 472 14.92 38.57 -14.05
CA VAL B 472 14.99 37.13 -14.30
C VAL B 472 14.20 36.78 -15.56
N GLU B 473 12.96 37.29 -15.65
CA GLU B 473 12.08 36.93 -16.76
C GLU B 473 12.69 37.32 -18.10
N LYS B 474 13.46 38.40 -18.15
CA LYS B 474 14.05 38.82 -19.41
C LYS B 474 15.06 37.80 -19.90
N GLN B 475 15.84 37.21 -18.99
CA GLN B 475 16.80 36.19 -19.45
C GLN B 475 16.10 34.88 -19.82
N LEU B 476 14.96 34.58 -19.19
CA LEU B 476 14.18 33.39 -19.58
C LEU B 476 13.56 33.59 -20.95
N ASP B 477 13.13 34.81 -21.25
CA ASP B 477 12.70 35.13 -22.61
C ASP B 477 13.83 34.88 -23.60
N LEU B 478 15.04 35.37 -23.30
CA LEU B 478 16.15 35.20 -24.22
C LEU B 478 16.61 33.74 -24.34
N VAL B 479 16.43 32.92 -23.29
CA VAL B 479 16.86 31.52 -23.37
C VAL B 479 16.16 30.83 -24.54
N VAL B 480 14.90 31.16 -24.78
CA VAL B 480 14.13 30.53 -25.84
C VAL B 480 14.20 31.35 -27.13
N ASN B 481 14.30 32.68 -27.02
CA ASN B 481 14.06 33.53 -28.19
C ASN B 481 15.26 34.38 -28.63
N SER B 482 16.43 34.23 -28.02
CA SER B 482 17.61 34.88 -28.54
C SER B 482 17.99 34.27 -29.88
N LYS B 483 18.64 35.08 -30.74
CA LYS B 483 19.11 34.54 -32.00
C LYS B 483 20.15 33.45 -31.76
N LYS B 484 20.84 33.51 -30.63
CA LYS B 484 21.80 32.48 -30.25
C LYS B 484 21.19 31.45 -29.32
N SER B 485 19.87 31.35 -29.29
CA SER B 485 19.24 30.38 -28.40
C SER B 485 19.57 28.96 -28.84
N HIS B 486 19.69 28.09 -27.86
N HIS B 486 19.73 28.08 -27.87
CA HIS B 486 19.79 26.66 -28.10
CA HIS B 486 19.78 26.65 -28.15
C HIS B 486 18.54 25.95 -27.58
C HIS B 486 18.54 25.95 -27.59
N ALA B 487 17.40 26.66 -27.61
CA ALA B 487 16.13 26.10 -27.15
C ALA B 487 15.00 26.40 -28.10
N ALA B 488 15.28 26.64 -29.38
CA ALA B 488 14.22 26.97 -30.32
C ALA B 488 13.30 25.79 -30.59
N ASN B 489 13.73 24.58 -30.26
CA ASN B 489 12.86 23.42 -30.42
C ASN B 489 11.68 23.45 -29.43
N TYR B 490 11.74 24.30 -28.39
CA TYR B 490 10.65 24.48 -27.44
C TYR B 490 9.65 25.56 -27.86
N ARG B 491 9.92 26.28 -28.95
CA ARG B 491 9.00 27.29 -29.43
C ARG B 491 7.71 26.65 -29.95
N ILE B 492 6.62 27.41 -29.86
CA ILE B 492 5.31 26.96 -30.32
C ILE B 492 4.78 28.02 -31.28
N ASP B 493 4.31 27.60 -32.45
CA ASP B 493 3.78 28.56 -33.42
C ASP B 493 2.51 29.22 -32.91
N GLY B 494 2.48 30.56 -32.96
CA GLY B 494 1.33 31.33 -32.50
C GLY B 494 1.38 31.76 -31.06
N TYR B 495 2.32 31.23 -30.26
CA TYR B 495 2.37 31.48 -28.83
C TYR B 495 3.80 31.81 -28.42
N GLU B 496 3.96 32.93 -27.71
CA GLU B 496 5.27 33.32 -27.21
C GLU B 496 5.61 32.51 -25.97
N VAL B 497 6.70 31.73 -26.03
CA VAL B 497 7.09 30.81 -24.96
C VAL B 497 8.39 31.29 -24.33
N GLU B 498 8.57 30.98 -23.04
CA GLU B 498 9.83 31.23 -22.37
C GLU B 498 10.03 30.16 -21.31
N GLY B 499 11.27 30.02 -20.84
CA GLY B 499 11.59 29.04 -19.84
C GLY B 499 13.09 28.79 -19.78
N LYS B 500 13.46 27.73 -19.04
CA LYS B 500 14.85 27.30 -18.89
C LYS B 500 14.96 25.80 -19.12
N THR B 501 16.02 25.39 -19.80
CA THR B 501 16.29 24.00 -20.12
C THR B 501 17.27 23.41 -19.13
N GLY B 502 17.28 22.07 -19.07
CA GLY B 502 18.16 21.31 -18.21
C GLY B 502 18.56 19.98 -18.81
N THR B 503 19.85 19.67 -18.74
CA THR B 503 20.37 18.35 -19.11
C THR B 503 21.32 17.95 -17.99
N ALA B 504 20.84 17.07 -17.10
CA ALA B 504 21.51 16.80 -15.83
C ALA B 504 21.96 15.35 -15.76
N GLN B 505 23.09 15.13 -15.12
CA GLN B 505 23.53 13.77 -14.87
C GLN B 505 22.80 13.22 -13.64
N VAL B 506 22.61 11.91 -13.62
CA VAL B 506 21.78 11.28 -12.59
C VAL B 506 22.61 10.25 -11.86
N ALA B 507 22.53 10.26 -10.54
CA ALA B 507 23.39 9.42 -9.72
C ALA B 507 23.00 7.94 -9.84
N ALA B 508 24.00 7.07 -9.85
CA ALA B 508 23.75 5.64 -9.86
C ALA B 508 23.23 5.21 -8.49
N PRO B 509 22.10 4.49 -8.42
CA PRO B 509 21.57 4.11 -7.08
C PRO B 509 22.55 3.26 -6.29
N ASN B 510 23.13 2.25 -6.91
CA ASN B 510 24.32 1.58 -6.40
C ASN B 510 25.49 1.90 -7.33
N GLY B 511 26.61 2.32 -6.75
CA GLY B 511 27.80 2.65 -7.53
C GLY B 511 28.50 3.93 -7.11
N GLY B 512 27.82 4.77 -6.34
CA GLY B 512 28.38 6.01 -5.85
C GLY B 512 28.87 6.99 -6.90
N GLY B 513 28.56 6.73 -8.16
CA GLY B 513 28.96 7.63 -9.23
C GLY B 513 27.75 8.10 -10.03
N TYR B 514 27.99 8.80 -11.13
CA TYR B 514 26.91 9.10 -12.05
C TYR B 514 26.71 7.94 -13.02
N VAL B 515 25.44 7.73 -13.40
CA VAL B 515 25.13 6.74 -14.42
C VAL B 515 25.93 7.05 -15.68
N LYS B 516 26.52 6.02 -16.27
CA LYS B 516 27.33 6.19 -17.47
C LYS B 516 26.59 5.72 -18.71
N GLY B 517 27.01 6.25 -19.86
CA GLY B 517 26.41 5.91 -21.13
C GLY B 517 26.58 7.05 -22.12
N PRO B 518 26.08 6.86 -23.35
CA PRO B 518 26.26 7.92 -24.37
C PRO B 518 25.63 9.23 -23.98
N ASN B 519 24.42 9.21 -23.43
CA ASN B 519 23.69 10.42 -23.04
C ASN B 519 22.87 10.15 -21.78
N PRO B 520 23.54 9.95 -20.65
CA PRO B 520 22.83 9.48 -19.44
C PRO B 520 22.27 10.65 -18.64
N TYR B 521 21.21 11.25 -19.18
CA TYR B 521 20.74 12.55 -18.73
C TYR B 521 19.30 12.52 -18.25
N PHE B 522 19.03 13.37 -17.27
CA PHE B 522 17.69 13.78 -16.90
C PHE B 522 17.47 15.13 -17.59
N VAL B 523 16.69 15.13 -18.68
CA VAL B 523 16.45 16.32 -19.51
C VAL B 523 15.15 16.95 -19.03
N SER B 524 15.10 18.28 -18.96
CA SER B 524 13.89 18.90 -18.42
C SER B 524 13.72 20.31 -18.95
N PHE B 525 12.51 20.85 -18.76
CA PHE B 525 12.17 22.21 -19.16
C PHE B 525 11.17 22.82 -18.19
N MET B 526 11.47 24.01 -17.72
CA MET B 526 10.65 24.75 -16.77
C MET B 526 10.11 25.93 -17.58
N GLY B 527 8.95 25.74 -18.22
CA GLY B 527 8.45 26.71 -19.17
C GLY B 527 7.17 27.41 -18.78
N ASP B 528 6.91 28.54 -19.40
CA ASP B 528 5.67 29.26 -19.13
C ASP B 528 5.28 30.02 -20.40
N ALA B 529 3.98 30.28 -20.54
CA ALA B 529 3.44 30.97 -21.71
C ALA B 529 2.07 31.52 -21.35
N PRO B 530 1.66 32.65 -21.97
CA PRO B 530 2.46 33.56 -22.79
C PRO B 530 3.61 34.17 -21.97
N LYS B 531 4.74 34.54 -22.59
CA LYS B 531 5.87 35.01 -21.81
C LYS B 531 5.53 36.30 -21.06
N LYS B 532 6.33 36.58 -20.03
CA LYS B 532 6.16 37.74 -19.16
C LYS B 532 4.91 37.64 -18.29
N ASN B 533 3.73 37.45 -18.90
CA ASN B 533 2.47 37.30 -18.16
C ASN B 533 1.84 35.94 -18.47
N PRO B 534 2.39 34.87 -17.91
CA PRO B 534 1.91 33.54 -18.27
C PRO B 534 0.61 33.18 -17.58
N LYS B 535 -0.15 32.30 -18.22
CA LYS B 535 -1.31 31.72 -17.58
C LYS B 535 -0.96 30.41 -16.87
N VAL B 536 0.02 29.65 -17.36
CA VAL B 536 0.39 28.37 -16.75
C VAL B 536 1.90 28.18 -16.83
N ILE B 537 2.43 27.46 -15.86
CA ILE B 537 3.78 26.95 -15.87
C ILE B 537 3.72 25.47 -16.19
N VAL B 538 4.61 25.01 -17.04
CA VAL B 538 4.72 23.60 -17.38
C VAL B 538 6.15 23.16 -17.08
N TYR B 539 6.26 22.17 -16.22
CA TYR B 539 7.52 21.57 -15.85
C TYR B 539 7.44 20.14 -16.29
N ALA B 540 8.40 19.69 -17.09
CA ALA B 540 8.41 18.30 -17.50
C ALA B 540 9.84 17.82 -17.50
N GLY B 541 10.05 16.61 -17.03
CA GLY B 541 11.38 16.02 -16.98
C GLY B 541 11.31 14.56 -17.31
N MET B 542 12.41 14.08 -17.90
CA MET B 542 12.54 12.70 -18.38
C MET B 542 13.92 12.17 -18.05
N SER B 543 13.97 11.13 -17.23
CA SER B 543 15.22 10.58 -16.71
C SER B 543 15.61 9.34 -17.49
N LEU B 544 16.79 9.39 -18.13
CA LEU B 544 17.52 8.23 -18.61
C LEU B 544 16.72 7.47 -19.68
N ALA B 545 16.54 8.14 -20.81
CA ALA B 545 15.98 7.51 -21.98
C ALA B 545 16.78 6.27 -22.34
N GLN B 546 16.08 5.18 -22.67
CA GLN B 546 16.69 3.92 -23.08
C GLN B 546 16.58 3.67 -24.59
N LYS B 547 15.70 4.41 -25.25
CA LYS B 547 15.53 4.44 -26.69
C LYS B 547 15.74 5.86 -27.15
N ASN B 548 16.49 6.04 -28.23
CA ASN B 548 16.67 7.37 -28.82
C ASN B 548 17.30 8.35 -27.83
N ASP B 549 18.33 7.86 -27.10
CA ASP B 549 18.96 8.73 -26.11
C ASP B 549 19.68 9.92 -26.74
N GLN B 550 20.07 9.81 -28.02
CA GLN B 550 20.67 10.94 -28.73
C GLN B 550 19.64 12.05 -28.95
N GLU B 551 18.44 11.69 -29.42
CA GLU B 551 17.40 12.69 -29.59
C GLU B 551 16.95 13.28 -28.26
N ALA B 552 16.91 12.45 -27.20
CA ALA B 552 16.54 12.95 -25.88
C ALA B 552 17.48 14.07 -25.47
N TYR B 553 18.76 13.91 -25.75
CA TYR B 553 19.71 14.98 -25.44
C TYR B 553 19.49 16.18 -26.34
N GLU B 554 19.20 15.97 -27.62
CA GLU B 554 19.07 17.11 -28.51
C GLU B 554 17.75 17.83 -28.33
N LEU B 555 16.67 17.09 -28.08
CA LEU B 555 15.34 17.69 -28.02
C LEU B 555 14.79 17.85 -26.61
N GLY B 556 15.47 17.31 -25.60
CA GLY B 556 14.95 17.40 -24.25
C GLY B 556 13.54 16.87 -24.17
N VAL B 557 12.69 17.60 -23.44
CA VAL B 557 11.28 17.26 -23.33
C VAL B 557 10.43 18.07 -24.31
N SER B 558 11.02 18.60 -25.38
CA SER B 558 10.26 19.50 -26.24
C SER B 558 9.04 18.81 -26.86
N LYS B 559 9.15 17.53 -27.19
CA LYS B 559 8.00 16.78 -27.73
C LYS B 559 6.92 16.53 -26.68
N ALA B 560 7.16 16.85 -25.41
CA ALA B 560 6.08 16.82 -24.43
C ALA B 560 5.57 18.22 -24.14
N PHE B 561 6.49 19.17 -23.98
CA PHE B 561 6.11 20.52 -23.58
C PHE B 561 5.20 21.17 -24.62
N LYS B 562 5.56 21.09 -25.91
CA LYS B 562 4.76 21.74 -26.94
C LYS B 562 3.32 21.22 -26.96
N PRO B 563 3.05 19.92 -27.11
CA PRO B 563 1.64 19.50 -27.15
C PRO B 563 0.89 19.78 -25.85
N ILE B 564 1.52 19.66 -24.69
CA ILE B 564 0.88 20.06 -23.44
C ILE B 564 0.59 21.57 -23.46
N MET B 565 1.64 22.38 -23.61
CA MET B 565 1.51 23.82 -23.49
C MET B 565 0.53 24.37 -24.52
N GLU B 566 0.69 23.95 -25.77
CA GLU B 566 -0.17 24.49 -26.84
C GLU B 566 -1.64 24.16 -26.58
N ASN B 567 -1.94 22.90 -26.30
CA ASN B 567 -3.33 22.48 -26.11
C ASN B 567 -3.96 23.10 -24.87
N THR B 568 -3.16 23.30 -23.82
CA THR B 568 -3.68 23.98 -22.65
C THR B 568 -3.99 25.44 -22.97
N LEU B 569 -3.04 26.15 -23.57
CA LEU B 569 -3.28 27.53 -23.96
C LEU B 569 -4.53 27.65 -24.82
N LYS B 570 -4.79 26.67 -25.70
CA LYS B 570 -5.99 26.75 -26.51
C LYS B 570 -7.25 26.54 -25.67
N TYR B 571 -7.27 25.47 -24.86
CA TYR B 571 -8.42 25.18 -24.01
C TYR B 571 -8.75 26.33 -23.08
N LEU B 572 -7.73 27.07 -22.62
CA LEU B 572 -7.91 28.20 -21.73
C LEU B 572 -8.21 29.51 -22.48
N ASN B 573 -8.46 29.42 -23.79
CA ASN B 573 -8.88 30.55 -24.62
C ASN B 573 -7.84 31.66 -24.62
N VAL B 574 -6.56 31.30 -24.61
CA VAL B 574 -5.50 32.28 -24.81
C VAL B 574 -5.30 32.45 -26.32
N GLY B 575 -5.21 33.69 -26.78
CA GLY B 575 -5.19 33.99 -28.21
C GLY B 575 -3.85 33.79 -28.93
N LYS B 576 -3.88 33.07 -30.05
CA LYS B 576 -2.72 32.86 -30.92
C LYS B 576 -2.21 34.13 -31.62
#